data_5OJU
#
_entry.id   5OJU
#
_cell.length_a   86.097
_cell.length_b   159.073
_cell.length_c   88.406
_cell.angle_alpha   90.00
_cell.angle_beta   90.00
_cell.angle_gamma   90.00
#
_symmetry.space_group_name_H-M   'P 21 21 2'
#
loop_
_entity.id
_entity.type
_entity.pdbx_description
1 polymer 'Uncharacterized protein'
2 non-polymer '(2R)-2-(alpha-D-glucopyranosyloxy)-3-hydroxypropanoic acid'
3 non-polymer GLYCEROL
4 non-polymer DI(HYDROXYETHYL)ETHER
5 water water
#
_entity_poly.entity_id   1
_entity_poly.type   'polypeptide(L)'
_entity_poly.pdbx_seq_one_letter_code
;GAMPHDPSFTPTQLAARAAYLLRGNDLGTMTTAAPLLYPHMWSWDAAFVAIGLAPLSVERAVVELDTLLSAQWRNGMIPH
IVFANGVDGYFPGPARWATATLADNAPRNRLTSGITQPPVHAIAVQRILEHARTRGRSTRAVAEAFLDRRWGDLMRWHRW
LAECRDRNERGRITLYHGWESGMDNSPRWDSAYANVVPGKLPEYQRADNVIITDPSQRPSDGEYDRYLWLLEEMKAVRYD
DERLPSVMSFQVEDVFFSAIFSVACQVLAEIGEDYKRPHADVKDLYLWAERFRAGVVETTDQRTGAARDFDVLAEKWLVT
ETAAQFAPLLCGGLPHDRERALLKLLEGPRFCGHPDLKYGLIPSTSPVSRDFRPREYWRGPVWPVLTWLFSWCFARRGWA
ERARLLRQEGLRQASDGSFAAYYEPFTGEPLGSMQQSWTAAAVLDWLG
;
_entity_poly.pdbx_strand_id   A,B
#
loop_
_chem_comp.id
_chem_comp.type
_chem_comp.name
_chem_comp.formula
9WN D-saccharide '(2R)-2-(alpha-D-glucopyranosyloxy)-3-hydroxypropanoic acid' 'C9 H16 O9'
GOL non-polymer GLYCEROL 'C3 H8 O3'
PEG non-polymer DI(HYDROXYETHYL)ETHER 'C4 H10 O3'
#
# COMPACT_ATOMS: atom_id res chain seq x y z
N PRO A 4 30.79 -12.01 -20.60
CA PRO A 4 30.46 -11.45 -19.28
C PRO A 4 29.80 -12.47 -18.35
N HIS A 5 30.17 -12.45 -17.07
CA HIS A 5 29.67 -13.43 -16.10
C HIS A 5 28.24 -13.14 -15.62
N ASP A 6 27.69 -11.94 -15.91
CA ASP A 6 26.29 -11.66 -15.66
C ASP A 6 25.78 -10.55 -16.59
N PRO A 7 24.81 -10.86 -17.45
CA PRO A 7 24.37 -9.86 -18.45
C PRO A 7 23.38 -8.84 -17.92
N SER A 8 23.23 -8.69 -16.61
CA SER A 8 22.18 -7.83 -16.06
C SER A 8 22.68 -6.40 -15.80
N PHE A 9 21.81 -5.45 -16.06
CA PHE A 9 22.09 -4.04 -15.84
C PHE A 9 21.78 -3.62 -14.41
N THR A 10 22.53 -2.62 -13.94
CA THR A 10 22.27 -1.96 -12.67
C THR A 10 20.94 -1.22 -12.79
N PRO A 11 20.35 -0.82 -11.65
CA PRO A 11 19.10 -0.03 -11.73
C PRO A 11 19.23 1.27 -12.54
N THR A 12 20.32 2.04 -12.39
CA THR A 12 20.43 3.27 -13.19
C THR A 12 20.59 2.98 -14.68
N GLN A 13 21.41 1.97 -15.04
CA GLN A 13 21.53 1.58 -16.44
C GLN A 13 20.19 1.12 -17.01
N LEU A 14 19.43 0.32 -16.24
CA LEU A 14 18.15 -0.17 -16.72
C LEU A 14 17.18 0.97 -16.90
N ALA A 15 17.10 1.88 -15.91
CA ALA A 15 16.19 3.02 -16.05
C ALA A 15 16.56 3.86 -17.25
N ALA A 16 17.85 4.10 -17.44
CA ALA A 16 18.32 4.84 -18.61
C ALA A 16 17.92 4.12 -19.90
N ARG A 17 18.13 2.80 -19.97
CA ARG A 17 17.80 2.08 -21.20
C ARG A 17 16.31 2.05 -21.46
N ALA A 18 15.50 2.05 -20.41
CA ALA A 18 14.05 2.05 -20.60
C ALA A 18 13.56 3.39 -21.11
N ALA A 19 14.10 4.48 -20.56
CA ALA A 19 13.76 5.80 -21.05
C ALA A 19 14.21 6.00 -22.49
N TYR A 20 15.42 5.53 -22.80
CA TYR A 20 15.93 5.60 -24.15
C TYR A 20 14.99 4.90 -25.12
N LEU A 21 14.55 3.69 -24.76
CA LEU A 21 13.61 2.94 -25.58
C LEU A 21 12.32 3.72 -25.78
N LEU A 22 11.74 4.24 -24.70
CA LEU A 22 10.45 4.93 -24.79
C LEU A 22 10.51 6.12 -25.71
N ARG A 23 11.61 6.90 -25.64
N ARG A 23 11.60 6.89 -25.67
CA ARG A 23 11.75 8.03 -26.55
CA ARG A 23 11.73 8.02 -26.57
C ARG A 23 12.02 7.57 -27.98
C ARG A 23 12.02 7.56 -27.99
N GLY A 24 12.70 6.42 -28.15
CA GLY A 24 12.96 5.89 -29.49
C GLY A 24 11.69 5.48 -30.23
N ASN A 25 10.67 5.05 -29.50
CA ASN A 25 9.37 4.66 -30.05
C ASN A 25 8.42 5.84 -30.21
N ASP A 26 8.87 7.05 -29.85
CA ASP A 26 8.03 8.24 -29.95
C ASP A 26 7.99 8.72 -31.39
N LEU A 27 6.80 8.70 -32.01
CA LEU A 27 6.65 9.27 -33.34
C LEU A 27 6.42 10.78 -33.33
N GLY A 28 6.26 11.39 -32.16
CA GLY A 28 6.04 12.83 -32.06
C GLY A 28 4.92 13.17 -31.11
N THR A 29 3.70 12.71 -31.44
CA THR A 29 2.54 12.84 -30.56
C THR A 29 1.98 11.48 -30.14
N MET A 30 2.52 10.37 -30.66
CA MET A 30 2.12 9.05 -30.22
C MET A 30 3.36 8.16 -30.10
N THR A 31 3.27 7.18 -29.21
CA THR A 31 4.34 6.20 -29.02
C THR A 31 3.88 4.85 -29.58
N THR A 32 4.69 4.22 -30.44
CA THR A 32 4.30 2.91 -30.95
C THR A 32 4.33 1.89 -29.81
N ALA A 33 3.46 0.86 -29.88
CA ALA A 33 3.49 -0.16 -28.85
C ALA A 33 4.77 -0.99 -28.94
N ALA A 34 5.31 -1.19 -30.14
CA ALA A 34 6.63 -1.78 -30.36
C ALA A 34 7.15 -1.28 -31.72
N PRO A 35 8.49 -1.26 -31.92
CA PRO A 35 9.04 -0.66 -33.15
C PRO A 35 8.56 -1.27 -34.46
N LEU A 36 8.50 -2.59 -34.57
CA LEU A 36 8.11 -3.13 -35.87
C LEU A 36 6.84 -3.97 -35.84
N LEU A 37 6.61 -4.71 -34.76
CA LEU A 37 5.41 -5.55 -34.66
C LEU A 37 4.15 -4.70 -34.56
N TYR A 38 4.19 -3.63 -33.77
CA TYR A 38 3.03 -2.78 -33.46
C TYR A 38 3.37 -1.31 -33.69
N PRO A 39 3.49 -0.86 -34.96
CA PRO A 39 4.04 0.49 -35.15
C PRO A 39 2.96 1.57 -35.18
N HIS A 40 1.93 1.41 -34.36
CA HIS A 40 0.87 2.38 -34.17
C HIS A 40 0.65 2.55 -32.67
N MET A 41 -0.33 3.39 -32.32
CA MET A 41 -0.73 3.55 -30.92
C MET A 41 -1.81 2.53 -30.58
N TRP A 42 -1.59 1.75 -29.53
CA TRP A 42 -2.61 0.89 -28.95
C TRP A 42 -3.17 1.52 -27.68
N SER A 43 -4.46 1.28 -27.42
CA SER A 43 -5.15 2.03 -26.37
C SER A 43 -4.61 1.71 -24.96
N TRP A 44 -4.62 0.43 -24.52
CA TRP A 44 -4.14 0.30 -23.14
C TRP A 44 -2.62 0.32 -23.03
N ASP A 45 -1.88 0.02 -24.11
CA ASP A 45 -0.45 0.35 -24.13
C ASP A 45 -0.21 1.85 -23.94
N ALA A 46 -0.99 2.69 -24.62
CA ALA A 46 -0.80 4.12 -24.48
C ALA A 46 -0.98 4.59 -23.05
N ALA A 47 -1.88 3.94 -22.28
CA ALA A 47 -2.00 4.26 -20.86
C ALA A 47 -0.73 3.89 -20.08
N PHE A 48 -0.20 2.68 -20.31
CA PHE A 48 1.07 2.33 -19.65
C PHE A 48 2.20 3.22 -20.15
N VAL A 49 2.21 3.56 -21.43
CA VAL A 49 3.25 4.49 -21.89
C VAL A 49 3.15 5.82 -21.14
N ALA A 50 1.93 6.34 -20.97
CA ALA A 50 1.78 7.59 -20.20
C ALA A 50 2.38 7.46 -18.80
N ILE A 51 2.22 6.29 -18.18
CA ILE A 51 2.73 6.04 -16.84
C ILE A 51 4.26 6.04 -16.85
N GLY A 52 4.86 5.44 -17.88
CA GLY A 52 6.30 5.41 -17.99
C GLY A 52 6.89 6.76 -18.37
N LEU A 53 6.11 7.59 -19.07
CA LEU A 53 6.56 8.93 -19.44
C LEU A 53 6.51 9.90 -18.29
N ALA A 54 5.58 9.69 -17.35
CA ALA A 54 5.37 10.69 -16.31
C ALA A 54 6.61 10.99 -15.46
N PRO A 55 7.47 10.02 -15.09
CA PRO A 55 8.74 10.41 -14.43
C PRO A 55 9.69 11.18 -15.36
N LEU A 56 9.51 11.08 -16.67
CA LEU A 56 10.38 11.75 -17.63
C LEU A 56 9.86 13.13 -18.00
N SER A 57 8.55 13.27 -18.17
CA SER A 57 7.99 14.52 -18.67
C SER A 57 6.48 14.48 -18.55
N VAL A 58 5.94 15.22 -17.59
CA VAL A 58 4.50 15.27 -17.42
C VAL A 58 3.83 15.80 -18.68
N GLU A 59 4.47 16.78 -19.34
CA GLU A 59 3.90 17.37 -20.56
C GLU A 59 3.75 16.31 -21.65
N ARG A 60 4.80 15.52 -21.87
CA ARG A 60 4.72 14.49 -22.91
C ARG A 60 3.79 13.35 -22.49
N ALA A 61 3.68 13.08 -21.20
CA ALA A 61 2.73 12.05 -20.77
C ALA A 61 1.30 12.50 -21.05
N VAL A 62 0.99 13.75 -20.77
CA VAL A 62 -0.33 14.31 -21.07
C VAL A 62 -0.60 14.26 -22.57
N VAL A 63 0.41 14.58 -23.40
CA VAL A 63 0.25 14.52 -24.86
C VAL A 63 -0.19 13.13 -25.32
N GLU A 64 0.38 12.08 -24.73
CA GLU A 64 0.05 10.71 -25.13
C GLU A 64 -1.44 10.46 -24.96
N LEU A 65 -1.98 10.79 -23.79
CA LEU A 65 -3.40 10.64 -23.53
C LEU A 65 -4.22 11.59 -24.39
N ASP A 66 -3.73 12.81 -24.63
CA ASP A 66 -4.46 13.76 -25.49
C ASP A 66 -4.64 13.18 -26.88
N THR A 67 -3.56 12.62 -27.43
CA THR A 67 -3.61 12.02 -28.75
C THR A 67 -4.61 10.87 -28.79
N LEU A 68 -4.54 9.96 -27.82
CA LEU A 68 -5.49 8.84 -27.80
C LEU A 68 -6.92 9.35 -27.67
N LEU A 69 -7.15 10.30 -26.77
CA LEU A 69 -8.50 10.82 -26.57
C LEU A 69 -9.00 11.62 -27.78
N SER A 70 -8.10 12.19 -28.59
CA SER A 70 -8.51 12.83 -29.85
C SER A 70 -9.05 11.82 -30.88
N ALA A 71 -8.78 10.54 -30.69
CA ALA A 71 -9.29 9.48 -31.55
C ALA A 71 -10.57 8.83 -31.00
N GLN A 72 -11.10 9.35 -29.90
CA GLN A 72 -12.29 8.78 -29.31
C GLN A 72 -13.48 8.94 -30.25
N TRP A 73 -14.31 7.91 -30.32
CA TRP A 73 -15.52 7.93 -31.12
C TRP A 73 -16.56 8.88 -30.53
N ARG A 74 -17.52 9.26 -31.37
CA ARG A 74 -18.57 10.18 -30.98
C ARG A 74 -19.47 9.61 -29.88
N ASN A 75 -19.55 8.28 -29.73
CA ASN A 75 -20.35 7.66 -28.68
C ASN A 75 -19.55 7.45 -27.39
N GLY A 76 -18.27 7.77 -27.38
CA GLY A 76 -17.44 7.65 -26.21
C GLY A 76 -16.44 6.52 -26.25
N MET A 77 -16.56 5.58 -27.20
CA MET A 77 -15.63 4.46 -27.22
C MET A 77 -14.22 4.94 -27.54
N ILE A 78 -13.24 4.45 -26.80
CA ILE A 78 -11.84 4.58 -27.18
C ILE A 78 -11.47 3.36 -28.00
N PRO A 79 -11.11 3.52 -29.27
CA PRO A 79 -10.75 2.36 -30.10
C PRO A 79 -9.41 1.82 -29.68
N HIS A 80 -9.18 0.53 -29.98
CA HIS A 80 -7.96 -0.08 -29.47
C HIS A 80 -6.73 0.24 -30.31
N ILE A 81 -6.88 0.71 -31.56
CA ILE A 81 -5.72 1.14 -32.34
C ILE A 81 -6.00 2.51 -32.92
N VAL A 82 -5.02 3.41 -32.78
CA VAL A 82 -4.97 4.68 -33.50
C VAL A 82 -3.82 4.59 -34.47
N PHE A 83 -4.11 4.52 -35.76
CA PHE A 83 -3.07 4.28 -36.74
C PHE A 83 -2.28 5.55 -36.99
N ALA A 84 -0.99 5.37 -37.24
CA ALA A 84 -0.13 6.48 -37.56
C ALA A 84 -0.20 6.77 -39.07
N ASN A 85 -0.20 8.05 -39.41
CA ASN A 85 -0.45 8.43 -40.81
C ASN A 85 0.60 7.81 -41.72
N GLY A 86 0.14 7.16 -42.78
CA GLY A 86 1.02 6.58 -43.78
C GLY A 86 1.83 5.39 -43.35
N VAL A 87 1.56 4.79 -42.18
CA VAL A 87 2.36 3.70 -41.65
C VAL A 87 1.68 2.37 -41.98
N ASP A 88 2.38 1.52 -42.73
CA ASP A 88 1.99 0.16 -43.03
C ASP A 88 2.74 -0.80 -42.11
N GLY A 89 2.63 -2.10 -42.38
CA GLY A 89 3.37 -3.10 -41.62
C GLY A 89 2.61 -3.77 -40.48
N TYR A 90 1.41 -3.32 -40.15
CA TYR A 90 0.54 -4.06 -39.25
C TYR A 90 -0.73 -4.49 -39.98
N PHE A 91 -1.18 -5.72 -39.73
CA PHE A 91 -2.45 -6.21 -40.24
C PHE A 91 -3.27 -6.81 -39.10
N PRO A 92 -4.56 -6.45 -38.97
CA PRO A 92 -5.40 -5.68 -39.91
C PRO A 92 -5.20 -4.17 -39.87
N GLY A 93 -4.96 -3.58 -41.04
CA GLY A 93 -4.70 -2.16 -41.14
C GLY A 93 -5.97 -1.37 -41.32
N PRO A 94 -5.85 -0.04 -41.46
CA PRO A 94 -7.05 0.80 -41.66
C PRO A 94 -7.95 0.33 -42.78
N ALA A 95 -7.35 -0.09 -43.91
CA ALA A 95 -8.16 -0.54 -45.03
C ALA A 95 -9.08 -1.69 -44.64
N ARG A 96 -8.55 -2.65 -43.89
CA ARG A 96 -9.35 -3.82 -43.55
C ARG A 96 -10.46 -3.49 -42.55
N TRP A 97 -10.25 -2.53 -41.65
CA TRP A 97 -11.29 -2.18 -40.69
C TRP A 97 -12.39 -1.37 -41.36
N ALA A 98 -12.02 -0.46 -42.26
CA ALA A 98 -12.97 0.37 -43.01
C ALA A 98 -13.84 1.23 -42.09
N THR A 99 -13.39 1.51 -40.87
CA THR A 99 -14.17 2.39 -40.00
C THR A 99 -14.30 3.79 -40.58
N ALA A 100 -13.31 4.23 -41.37
CA ALA A 100 -13.39 5.55 -41.97
C ALA A 100 -14.62 5.68 -42.87
N THR A 101 -14.91 4.65 -43.66
CA THR A 101 -16.06 4.76 -44.55
C THR A 101 -17.35 4.21 -43.93
N LEU A 102 -17.28 3.36 -42.92
CA LEU A 102 -18.45 2.63 -42.44
C LEU A 102 -18.98 3.10 -41.11
N ALA A 103 -18.13 3.48 -40.17
CA ALA A 103 -18.54 3.75 -38.80
C ALA A 103 -18.99 5.21 -38.69
N ASP A 104 -20.31 5.41 -38.50
CA ASP A 104 -20.87 6.74 -38.26
C ASP A 104 -20.23 7.45 -37.07
N ASN A 105 -19.71 6.71 -36.08
CA ASN A 105 -19.15 7.33 -34.89
C ASN A 105 -17.63 7.46 -34.91
N ALA A 106 -16.95 6.99 -35.94
CA ALA A 106 -15.49 7.08 -35.97
C ALA A 106 -15.07 8.55 -36.03
N PRO A 107 -13.88 8.86 -35.52
CA PRO A 107 -13.45 10.27 -35.46
C PRO A 107 -13.15 10.79 -36.86
N ARG A 108 -13.11 12.11 -36.98
CA ARG A 108 -13.03 12.67 -38.31
C ARG A 108 -11.60 12.86 -38.83
N ASN A 109 -10.60 13.05 -37.97
CA ASN A 109 -9.26 13.30 -38.53
C ASN A 109 -8.22 12.32 -38.00
N ARG A 110 -8.61 11.06 -37.85
CA ARG A 110 -7.80 10.00 -37.27
C ARG A 110 -8.29 8.70 -37.88
N LEU A 111 -7.37 7.79 -38.16
CA LEU A 111 -7.73 6.45 -38.58
C LEU A 111 -7.58 5.54 -37.39
N THR A 112 -8.63 4.75 -37.09
CA THR A 112 -8.62 3.92 -35.90
C THR A 112 -9.24 2.57 -36.20
N SER A 113 -9.11 1.65 -35.23
CA SER A 113 -9.79 0.37 -35.31
C SER A 113 -11.26 0.55 -34.93
N GLY A 114 -12.00 -0.56 -34.84
CA GLY A 114 -13.44 -0.48 -34.59
C GLY A 114 -13.89 -1.19 -33.32
N ILE A 115 -12.94 -1.61 -32.48
CA ILE A 115 -13.24 -2.30 -31.23
C ILE A 115 -12.46 -1.56 -30.14
N THR A 116 -12.69 -1.98 -28.88
CA THR A 116 -12.15 -1.27 -27.72
C THR A 116 -11.08 -2.11 -26.99
N GLN A 117 -10.69 -1.66 -25.78
CA GLN A 117 -9.66 -2.33 -24.98
C GLN A 117 -9.83 -1.88 -23.53
N PRO A 118 -9.13 -2.53 -22.57
CA PRO A 118 -9.42 -2.28 -21.15
C PRO A 118 -9.19 -0.83 -20.73
N PRO A 119 -9.99 -0.33 -19.78
CA PRO A 119 -9.93 1.07 -19.33
C PRO A 119 -8.92 1.31 -18.22
N VAL A 120 -7.63 1.08 -18.52
CA VAL A 120 -6.57 1.38 -17.56
C VAL A 120 -6.24 2.86 -17.52
N HIS A 121 -6.90 3.67 -18.36
CA HIS A 121 -6.51 5.07 -18.58
C HIS A 121 -6.58 5.92 -17.31
N ALA A 122 -7.60 5.74 -16.48
CA ALA A 122 -7.71 6.51 -15.24
C ALA A 122 -6.53 6.24 -14.29
N ILE A 123 -5.96 5.02 -14.33
CA ILE A 123 -4.77 4.72 -13.55
C ILE A 123 -3.59 5.56 -14.05
N ALA A 124 -3.46 5.72 -15.36
CA ALA A 124 -2.40 6.57 -15.90
C ALA A 124 -2.62 8.02 -15.50
N VAL A 125 -3.88 8.47 -15.44
CA VAL A 125 -4.12 9.84 -15.00
C VAL A 125 -3.70 10.02 -13.55
N GLN A 126 -3.96 9.03 -12.70
CA GLN A 126 -3.55 9.14 -11.29
C GLN A 126 -2.02 9.24 -11.15
N ARG A 127 -1.28 8.41 -11.90
CA ARG A 127 0.19 8.43 -11.85
C ARG A 127 0.74 9.76 -12.34
N ILE A 128 0.21 10.29 -13.45
CA ILE A 128 0.59 11.62 -13.93
C ILE A 128 0.37 12.67 -12.84
N LEU A 129 -0.81 12.65 -12.22
CA LEU A 129 -1.13 13.62 -11.16
C LEU A 129 -0.20 13.45 -9.97
N GLU A 130 0.12 12.20 -9.61
CA GLU A 130 1.03 11.98 -8.49
C GLU A 130 2.43 12.50 -8.78
N HIS A 131 2.96 12.23 -9.98
CA HIS A 131 4.25 12.83 -10.35
C HIS A 131 4.16 14.35 -10.37
N ALA A 132 3.10 14.88 -10.98
CA ALA A 132 2.98 16.32 -11.16
C ALA A 132 3.00 17.06 -9.83
N ARG A 133 2.37 16.49 -8.79
CA ARG A 133 2.38 17.16 -7.49
C ARG A 133 3.76 17.18 -6.85
N THR A 134 4.66 16.27 -7.21
CA THR A 134 6.01 16.37 -6.66
C THR A 134 6.89 17.34 -7.43
N ARG A 135 6.42 17.90 -8.55
CA ARG A 135 7.30 18.65 -9.45
C ARG A 135 7.10 20.15 -9.41
N GLY A 136 6.14 20.65 -8.66
CA GLY A 136 6.00 22.09 -8.57
C GLY A 136 4.93 22.62 -9.50
N ARG A 137 4.85 23.96 -9.52
CA ARG A 137 3.59 24.63 -9.83
C ARG A 137 3.29 24.61 -11.32
N SER A 138 4.28 24.87 -12.16
CA SER A 138 4.03 24.84 -13.60
C SER A 138 3.71 23.43 -14.07
N THR A 139 4.23 22.44 -13.37
CA THR A 139 3.90 21.06 -13.74
C THR A 139 2.51 20.68 -13.24
N ARG A 140 2.18 21.05 -12.00
CA ARG A 140 0.80 20.89 -11.52
C ARG A 140 -0.18 21.53 -12.50
N ALA A 141 0.13 22.75 -12.98
CA ALA A 141 -0.76 23.44 -13.91
C ALA A 141 -0.94 22.68 -15.22
N VAL A 142 0.13 22.05 -15.74
CA VAL A 142 -0.01 21.21 -16.93
C VAL A 142 -0.99 20.07 -16.66
N ALA A 143 -0.84 19.38 -15.53
CA ALA A 143 -1.71 18.24 -15.24
C ALA A 143 -3.15 18.69 -14.99
N GLU A 144 -3.34 19.80 -14.26
CA GLU A 144 -4.68 20.30 -14.00
C GLU A 144 -5.37 20.79 -15.28
N ALA A 145 -4.61 21.37 -16.22
CA ALA A 145 -5.18 21.79 -17.50
C ALA A 145 -5.60 20.58 -18.35
N PHE A 146 -4.83 19.49 -18.33
CA PHE A 146 -5.30 18.26 -18.98
C PHE A 146 -6.65 17.80 -18.40
N LEU A 147 -6.79 17.82 -17.07
CA LEU A 147 -8.08 17.47 -16.46
C LEU A 147 -9.21 18.35 -16.96
N ASP A 148 -8.97 19.66 -17.04
CA ASP A 148 -10.00 20.57 -17.54
C ASP A 148 -10.40 20.23 -18.97
N ARG A 149 -9.42 19.86 -19.78
CA ARG A 149 -9.66 19.63 -21.20
C ARG A 149 -10.27 18.26 -21.46
N ARG A 150 -9.94 17.25 -20.65
CA ARG A 150 -10.29 15.87 -20.95
C ARG A 150 -11.19 15.20 -19.93
N TRP A 151 -11.58 15.87 -18.85
CA TRP A 151 -12.43 15.22 -17.88
C TRP A 151 -13.72 14.74 -18.53
N GLY A 152 -14.33 15.60 -19.38
CA GLY A 152 -15.56 15.23 -20.06
C GLY A 152 -15.39 14.01 -20.97
N ASP A 153 -14.23 13.90 -21.63
CA ASP A 153 -13.93 12.76 -22.50
C ASP A 153 -13.71 11.47 -21.70
N LEU A 154 -13.03 11.55 -20.56
CA LEU A 154 -12.89 10.36 -19.72
C LEU A 154 -14.25 9.91 -19.20
N MET A 155 -15.10 10.87 -18.82
CA MET A 155 -16.46 10.51 -18.38
C MET A 155 -17.22 9.79 -19.49
N ARG A 156 -17.16 10.29 -20.74
CA ARG A 156 -17.89 9.65 -21.84
C ARG A 156 -17.30 8.28 -22.16
N TRP A 157 -16.01 8.09 -21.94
CA TRP A 157 -15.40 6.76 -22.07
C TRP A 157 -16.02 5.78 -21.08
N HIS A 158 -16.02 6.14 -19.79
CA HIS A 158 -16.59 5.26 -18.78
C HIS A 158 -18.09 5.10 -18.99
N ARG A 159 -18.79 6.19 -19.34
CA ARG A 159 -20.23 6.08 -19.56
C ARG A 159 -20.53 5.15 -20.73
N TRP A 160 -19.72 5.18 -21.78
CA TRP A 160 -19.99 4.30 -22.91
C TRP A 160 -19.88 2.85 -22.50
N LEU A 161 -18.84 2.52 -21.73
CA LEU A 161 -18.68 1.17 -21.19
C LEU A 161 -19.86 0.77 -20.29
N ALA A 162 -20.28 1.66 -19.40
CA ALA A 162 -21.28 1.29 -18.42
C ALA A 162 -22.65 1.15 -19.08
N GLU A 163 -22.94 1.96 -20.08
CA GLU A 163 -24.25 1.94 -20.70
C GLU A 163 -24.32 1.08 -21.96
N CYS A 164 -23.28 1.05 -22.79
CA CYS A 164 -23.41 0.34 -24.08
C CYS A 164 -22.84 -1.06 -24.05
N ARG A 165 -21.93 -1.37 -23.14
CA ARG A 165 -21.36 -2.70 -23.01
C ARG A 165 -21.82 -3.40 -21.75
N ASP A 166 -22.65 -2.76 -20.94
CA ASP A 166 -23.38 -3.40 -19.86
C ASP A 166 -24.86 -3.00 -19.96
N ARG A 167 -25.49 -3.39 -21.08
CA ARG A 167 -26.86 -2.97 -21.40
C ARG A 167 -27.85 -3.41 -20.34
N ASN A 168 -27.63 -4.57 -19.72
CA ASN A 168 -28.57 -5.09 -18.74
C ASN A 168 -28.13 -4.79 -17.31
N GLU A 169 -27.16 -3.89 -17.12
CA GLU A 169 -26.68 -3.53 -15.79
C GLU A 169 -26.36 -4.78 -14.97
N ARG A 170 -25.68 -5.72 -15.60
CA ARG A 170 -25.19 -6.88 -14.89
C ARG A 170 -23.86 -6.61 -14.17
N GLY A 171 -23.28 -5.43 -14.35
CA GLY A 171 -21.99 -5.18 -13.70
C GLY A 171 -20.83 -5.95 -14.27
N ARG A 172 -20.94 -6.40 -15.53
CA ARG A 172 -19.82 -6.97 -16.25
C ARG A 172 -19.84 -6.43 -17.68
N ILE A 173 -18.66 -6.29 -18.27
CA ILE A 173 -18.49 -5.71 -19.60
C ILE A 173 -18.59 -6.81 -20.65
N THR A 174 -19.42 -6.59 -21.68
CA THR A 174 -19.54 -7.51 -22.80
C THR A 174 -18.52 -7.17 -23.87
N LEU A 175 -17.73 -8.18 -24.27
CA LEU A 175 -16.84 -8.05 -25.42
C LEU A 175 -17.42 -8.73 -26.65
N TYR A 176 -17.22 -8.07 -27.82
CA TYR A 176 -17.55 -8.64 -29.13
C TYR A 176 -16.33 -9.10 -29.90
N HIS A 177 -15.15 -9.11 -29.27
CA HIS A 177 -13.94 -9.61 -29.92
C HIS A 177 -12.92 -9.94 -28.83
N GLY A 178 -12.28 -11.10 -28.94
CA GLY A 178 -11.23 -11.46 -28.01
C GLY A 178 -10.09 -10.45 -27.95
N TRP A 179 -9.87 -9.69 -29.03
CA TRP A 179 -8.83 -8.65 -28.97
C TRP A 179 -9.19 -7.57 -27.96
N GLU A 180 -10.49 -7.35 -27.68
CA GLU A 180 -10.88 -6.29 -26.75
C GLU A 180 -10.48 -6.64 -25.33
N SER A 181 -10.29 -7.93 -25.03
CA SER A 181 -9.84 -8.32 -23.71
C SER A 181 -8.38 -7.96 -23.46
N GLY A 182 -7.64 -7.60 -24.50
CA GLY A 182 -6.19 -7.50 -24.38
C GLY A 182 -5.46 -8.83 -24.40
N MET A 183 -6.17 -9.97 -24.31
CA MET A 183 -5.50 -11.28 -24.26
C MET A 183 -5.97 -12.11 -25.45
N ASP A 184 -5.40 -11.82 -26.62
CA ASP A 184 -5.91 -12.35 -27.89
C ASP A 184 -6.23 -13.85 -27.83
N ASN A 185 -5.24 -14.67 -27.49
CA ASN A 185 -5.40 -16.09 -27.64
C ASN A 185 -5.56 -16.78 -26.29
N SER A 186 -6.03 -16.05 -25.28
CA SER A 186 -6.19 -16.63 -23.97
C SER A 186 -7.09 -17.87 -24.04
N PRO A 187 -6.80 -18.90 -23.24
CA PRO A 187 -7.71 -20.06 -23.17
C PRO A 187 -9.10 -19.67 -22.71
N ARG A 188 -9.25 -18.50 -22.11
CA ARG A 188 -10.56 -18.02 -21.70
C ARG A 188 -11.57 -18.04 -22.84
N TRP A 189 -11.11 -17.83 -24.08
CA TRP A 189 -12.01 -17.58 -25.19
C TRP A 189 -12.14 -18.75 -26.14
N ASP A 190 -11.49 -19.89 -25.85
CA ASP A 190 -11.46 -20.97 -26.82
C ASP A 190 -12.86 -21.49 -27.12
N SER A 191 -13.67 -21.72 -26.08
CA SER A 191 -14.96 -22.34 -26.38
C SER A 191 -15.90 -21.34 -27.06
N ALA A 192 -15.77 -20.04 -26.76
CA ALA A 192 -16.50 -19.03 -27.50
C ALA A 192 -16.05 -18.97 -28.96
N TYR A 193 -14.74 -19.02 -29.21
CA TYR A 193 -14.23 -18.98 -30.58
C TYR A 193 -14.61 -20.23 -31.37
N ALA A 194 -14.77 -21.38 -30.70
CA ALA A 194 -15.25 -22.57 -31.39
C ALA A 194 -16.65 -22.41 -31.97
N ASN A 195 -17.43 -21.45 -31.47
CA ASN A 195 -18.76 -21.19 -32.00
C ASN A 195 -18.76 -20.04 -33.01
N VAL A 196 -17.58 -19.54 -33.41
CA VAL A 196 -17.47 -18.57 -34.51
C VAL A 196 -17.17 -19.34 -35.80
N VAL A 197 -18.10 -19.30 -36.75
CA VAL A 197 -17.94 -20.03 -38.01
C VAL A 197 -17.79 -19.01 -39.13
N PRO A 198 -16.60 -18.84 -39.71
CA PRO A 198 -16.44 -17.88 -40.82
C PRO A 198 -17.27 -18.26 -42.05
N GLY A 199 -17.91 -17.24 -42.64
CA GLY A 199 -18.51 -17.36 -43.96
C GLY A 199 -17.47 -17.11 -45.06
N LYS A 200 -17.82 -16.34 -46.09
CA LYS A 200 -16.88 -16.03 -47.17
C LYS A 200 -15.94 -14.90 -46.72
N LEU A 201 -14.81 -15.30 -46.13
CA LEU A 201 -13.87 -14.34 -45.52
C LEU A 201 -12.90 -13.84 -46.58
N PRO A 202 -12.87 -12.53 -46.87
CA PRO A 202 -11.97 -12.00 -47.91
C PRO A 202 -10.52 -12.36 -47.62
N GLU A 203 -9.80 -12.82 -48.64
CA GLU A 203 -8.45 -13.33 -48.44
C GLU A 203 -7.54 -12.25 -47.83
N TYR A 204 -6.51 -12.71 -47.11
CA TYR A 204 -5.61 -11.78 -46.44
C TYR A 204 -4.26 -12.47 -46.21
N GLN A 205 -3.27 -11.65 -45.92
CA GLN A 205 -1.92 -12.11 -45.62
C GLN A 205 -1.49 -11.53 -44.29
N ARG A 206 -1.07 -12.38 -43.36
CA ARG A 206 -0.68 -11.89 -42.06
C ARG A 206 0.63 -11.10 -42.14
N ALA A 207 0.78 -10.12 -41.25
CA ALA A 207 2.04 -9.41 -41.09
C ALA A 207 2.73 -9.69 -39.77
N ASP A 208 1.98 -10.12 -38.75
CA ASP A 208 2.53 -10.29 -37.41
C ASP A 208 3.57 -11.41 -37.36
N ASN A 209 3.32 -12.51 -38.06
CA ASN A 209 4.26 -13.63 -38.01
C ASN A 209 5.33 -13.51 -39.08
N VAL A 210 5.33 -12.45 -39.88
CA VAL A 210 6.51 -12.13 -40.67
C VAL A 210 7.59 -11.56 -39.75
N ILE A 211 7.17 -10.78 -38.75
CA ILE A 211 8.10 -10.14 -37.83
C ILE A 211 8.51 -11.10 -36.71
N ILE A 212 7.52 -11.69 -36.02
CA ILE A 212 7.74 -12.77 -35.06
C ILE A 212 7.59 -14.08 -35.86
N THR A 213 8.72 -14.66 -36.30
CA THR A 213 8.62 -15.80 -37.21
C THR A 213 8.36 -17.13 -36.49
N ASP A 214 8.88 -17.30 -35.27
CA ASP A 214 8.69 -18.51 -34.49
C ASP A 214 7.19 -18.78 -34.30
N PRO A 215 6.63 -19.78 -35.00
CA PRO A 215 5.17 -19.96 -34.96
C PRO A 215 4.62 -20.29 -33.57
N SER A 216 5.46 -20.76 -32.65
CA SER A 216 5.04 -21.09 -31.30
C SER A 216 4.81 -19.86 -30.42
N GLN A 217 5.07 -18.63 -30.89
CA GLN A 217 4.89 -17.45 -30.06
C GLN A 217 3.65 -16.62 -30.41
N ARG A 218 2.96 -16.95 -31.48
CA ARG A 218 1.84 -16.17 -31.99
C ARG A 218 0.65 -17.09 -32.20
N PRO A 219 -0.56 -16.53 -32.39
CA PRO A 219 -1.72 -17.38 -32.69
C PRO A 219 -1.59 -18.08 -34.04
N SER A 220 -2.45 -19.09 -34.25
CA SER A 220 -2.46 -19.86 -35.47
C SER A 220 -3.27 -19.16 -36.57
N ASP A 221 -3.11 -19.67 -37.80
CA ASP A 221 -3.93 -19.20 -38.90
C ASP A 221 -5.40 -19.41 -38.62
N GLY A 222 -5.78 -20.61 -38.16
CA GLY A 222 -7.15 -20.84 -37.74
C GLY A 222 -7.67 -19.76 -36.81
N GLU A 223 -6.87 -19.36 -35.81
CA GLU A 223 -7.32 -18.34 -34.90
C GLU A 223 -7.49 -17.00 -35.59
N TYR A 224 -6.54 -16.62 -36.46
CA TYR A 224 -6.69 -15.38 -37.21
C TYR A 224 -7.91 -15.42 -38.13
N ASP A 225 -8.23 -16.57 -38.70
CA ASP A 225 -9.42 -16.66 -39.52
C ASP A 225 -10.65 -16.19 -38.75
N ARG A 226 -10.74 -16.58 -37.48
CA ARG A 226 -11.88 -16.19 -36.65
C ARG A 226 -11.79 -14.73 -36.20
N TYR A 227 -10.60 -14.26 -35.82
CA TYR A 227 -10.44 -12.86 -35.47
C TYR A 227 -10.92 -11.99 -36.62
N LEU A 228 -10.50 -12.34 -37.84
CA LEU A 228 -10.82 -11.52 -39.00
C LEU A 228 -12.28 -11.64 -39.43
N TRP A 229 -12.87 -12.83 -39.29
CA TRP A 229 -14.29 -12.92 -39.61
C TRP A 229 -15.12 -12.02 -38.72
N LEU A 230 -14.78 -11.93 -37.43
CA LEU A 230 -15.56 -11.06 -36.54
C LEU A 230 -15.58 -9.62 -37.03
N LEU A 231 -14.47 -9.16 -37.64
CA LEU A 231 -14.47 -7.83 -38.27
C LEU A 231 -15.52 -7.73 -39.36
N GLU A 232 -15.68 -8.78 -40.17
CA GLU A 232 -16.69 -8.76 -41.22
C GLU A 232 -18.09 -8.59 -40.66
N GLU A 233 -18.39 -9.27 -39.54
CA GLU A 233 -19.71 -9.16 -38.94
C GLU A 233 -20.00 -7.73 -38.48
N MET A 234 -19.01 -7.07 -37.88
CA MET A 234 -19.18 -5.69 -37.43
C MET A 234 -19.30 -4.72 -38.61
N LYS A 235 -18.46 -4.91 -39.64
CA LYS A 235 -18.57 -4.07 -40.83
C LYS A 235 -19.95 -4.17 -41.46
N ALA A 236 -20.51 -5.39 -41.48
CA ALA A 236 -21.82 -5.59 -42.09
C ALA A 236 -22.91 -4.75 -41.45
N VAL A 237 -22.76 -4.40 -40.17
CA VAL A 237 -23.73 -3.52 -39.53
C VAL A 237 -23.10 -2.16 -39.20
N ARG A 238 -22.01 -1.82 -39.89
CA ARG A 238 -21.39 -0.50 -39.83
C ARG A 238 -21.04 -0.10 -38.40
N TYR A 239 -20.62 -1.10 -37.61
CA TYR A 239 -20.16 -0.90 -36.24
C TYR A 239 -21.23 -0.28 -35.35
N ASP A 240 -22.51 -0.44 -35.71
CA ASP A 240 -23.60 0.13 -34.93
C ASP A 240 -23.75 -0.60 -33.60
N ASP A 241 -23.53 0.13 -32.49
CA ASP A 241 -23.70 -0.39 -31.13
C ASP A 241 -24.96 -1.22 -30.95
N GLU A 242 -26.07 -0.68 -31.44
CA GLU A 242 -27.38 -1.30 -31.24
C GLU A 242 -27.51 -2.62 -31.99
N ARG A 243 -26.74 -2.81 -33.07
CA ARG A 243 -26.97 -3.98 -33.90
C ARG A 243 -26.08 -5.15 -33.52
N LEU A 244 -24.99 -4.91 -32.81
CA LEU A 244 -24.03 -5.97 -32.49
C LEU A 244 -24.62 -7.11 -31.64
N PRO A 245 -25.49 -6.88 -30.65
CA PRO A 245 -26.07 -8.04 -29.94
C PRO A 245 -26.78 -9.01 -30.87
N SER A 246 -27.34 -8.53 -31.98
CA SER A 246 -28.12 -9.39 -32.86
C SER A 246 -27.28 -10.10 -33.93
N VAL A 247 -26.05 -9.67 -34.20
CA VAL A 247 -25.32 -10.22 -35.34
C VAL A 247 -24.00 -10.89 -34.97
N MET A 248 -23.41 -10.59 -33.80
CA MET A 248 -22.05 -11.03 -33.49
C MET A 248 -22.02 -12.48 -33.02
N SER A 249 -21.14 -13.29 -33.62
CA SER A 249 -20.96 -14.69 -33.24
C SER A 249 -20.10 -14.85 -31.97
N PHE A 250 -19.63 -13.76 -31.40
CA PHE A 250 -18.78 -13.76 -30.21
C PHE A 250 -19.34 -12.73 -29.25
N GLN A 251 -19.79 -13.17 -28.07
CA GLN A 251 -20.28 -12.25 -27.05
C GLN A 251 -19.95 -12.84 -25.69
N VAL A 252 -18.99 -12.23 -24.99
CA VAL A 252 -18.56 -12.72 -23.70
C VAL A 252 -18.53 -11.57 -22.71
N GLU A 253 -18.81 -11.89 -21.45
CA GLU A 253 -18.56 -10.94 -20.37
C GLU A 253 -17.16 -11.22 -19.82
N ASP A 254 -16.30 -10.22 -19.89
CA ASP A 254 -14.89 -10.36 -19.52
C ASP A 254 -14.73 -9.92 -18.08
N VAL A 255 -14.43 -10.87 -17.18
CA VAL A 255 -14.45 -10.50 -15.76
C VAL A 255 -13.21 -9.70 -15.37
N PHE A 256 -12.09 -9.87 -16.08
CA PHE A 256 -10.88 -9.13 -15.78
C PHE A 256 -10.99 -7.67 -16.23
N PHE A 257 -11.44 -7.46 -17.45
CA PHE A 257 -11.83 -6.15 -17.94
C PHE A 257 -12.80 -5.47 -16.97
N SER A 258 -13.83 -6.20 -16.49
CA SER A 258 -14.81 -5.64 -15.56
C SER A 258 -14.16 -5.18 -14.25
N ALA A 259 -13.26 -6.00 -13.70
CA ALA A 259 -12.56 -5.62 -12.47
C ALA A 259 -11.71 -4.37 -12.67
N ILE A 260 -10.99 -4.30 -13.79
CA ILE A 260 -10.21 -3.12 -14.14
C ILE A 260 -11.11 -1.88 -14.21
N PHE A 261 -12.28 -2.04 -14.85
CA PHE A 261 -13.20 -0.92 -14.94
C PHE A 261 -13.69 -0.50 -13.55
N SER A 262 -13.84 -1.47 -12.65
CA SER A 262 -14.26 -1.11 -11.30
C SER A 262 -13.22 -0.23 -10.62
N VAL A 263 -11.95 -0.68 -10.63
CA VAL A 263 -10.82 0.11 -10.13
C VAL A 263 -10.75 1.48 -10.83
N ALA A 264 -10.82 1.49 -12.17
CA ALA A 264 -10.71 2.74 -12.92
C ALA A 264 -11.77 3.74 -12.49
N CYS A 265 -13.02 3.28 -12.39
CA CYS A 265 -14.11 4.10 -11.91
C CYS A 265 -13.81 4.69 -10.52
N GLN A 266 -13.34 3.84 -9.59
CA GLN A 266 -13.04 4.34 -8.25
C GLN A 266 -11.89 5.35 -8.27
N VAL A 267 -10.85 5.09 -9.07
CA VAL A 267 -9.72 6.00 -9.18
C VAL A 267 -10.17 7.31 -9.78
N LEU A 268 -11.00 7.25 -10.83
CA LEU A 268 -11.43 8.46 -11.50
C LEU A 268 -12.39 9.26 -10.63
N ALA A 269 -13.20 8.58 -9.81
CA ALA A 269 -14.07 9.30 -8.88
C ALA A 269 -13.25 10.06 -7.85
N GLU A 270 -12.17 9.43 -7.36
CA GLU A 270 -11.34 10.11 -6.37
C GLU A 270 -10.62 11.31 -6.98
N ILE A 271 -10.20 11.19 -8.25
CA ILE A 271 -9.66 12.35 -8.96
C ILE A 271 -10.71 13.45 -9.06
N GLY A 272 -11.93 13.09 -9.47
CA GLY A 272 -12.99 14.06 -9.57
C GLY A 272 -13.21 14.83 -8.28
N GLU A 273 -13.17 14.13 -7.14
CA GLU A 273 -13.33 14.83 -5.86
C GLU A 273 -12.14 15.74 -5.56
N ASP A 274 -10.92 15.24 -5.73
CA ASP A 274 -9.76 16.06 -5.40
C ASP A 274 -9.69 17.32 -6.24
N TYR A 275 -10.18 17.27 -7.48
CA TYR A 275 -10.04 18.38 -8.42
C TYR A 275 -11.37 19.06 -8.72
N LYS A 276 -12.34 18.89 -7.82
CA LYS A 276 -13.61 19.62 -7.85
C LYS A 276 -14.33 19.49 -9.19
N ARG A 277 -14.40 18.28 -9.73
N ARG A 277 -14.39 18.27 -9.72
CA ARG A 277 -15.17 17.99 -10.93
CA ARG A 277 -15.18 17.97 -10.92
C ARG A 277 -16.65 17.81 -10.55
C ARG A 277 -16.66 17.93 -10.54
N PRO A 278 -17.57 17.86 -11.51
CA PRO A 278 -19.01 17.88 -11.16
C PRO A 278 -19.42 16.68 -10.29
N HIS A 279 -20.15 16.99 -9.22
CA HIS A 279 -20.59 15.97 -8.26
C HIS A 279 -21.39 14.86 -8.94
N ALA A 280 -22.22 15.20 -9.93
CA ALA A 280 -23.01 14.18 -10.63
C ALA A 280 -22.10 13.18 -11.32
N ASP A 281 -20.95 13.64 -11.81
CA ASP A 281 -20.01 12.72 -12.45
C ASP A 281 -19.38 11.79 -11.42
N VAL A 282 -18.89 12.37 -10.31
CA VAL A 282 -18.27 11.58 -9.26
C VAL A 282 -19.24 10.52 -8.73
N LYS A 283 -20.51 10.90 -8.52
CA LYS A 283 -21.50 9.93 -8.04
C LYS A 283 -21.68 8.77 -9.01
N ASP A 284 -21.77 9.06 -10.30
CA ASP A 284 -21.89 8.01 -11.31
C ASP A 284 -20.69 7.08 -11.25
N LEU A 285 -19.49 7.65 -11.13
CA LEU A 285 -18.28 6.82 -11.09
C LEU A 285 -18.31 5.88 -9.89
N TYR A 286 -18.62 6.40 -8.71
CA TYR A 286 -18.74 5.54 -7.54
C TYR A 286 -19.82 4.50 -7.74
N LEU A 287 -20.93 4.88 -8.38
CA LEU A 287 -21.99 3.92 -8.68
C LEU A 287 -21.45 2.80 -9.58
N TRP A 288 -20.73 3.14 -10.64
CA TRP A 288 -20.23 2.09 -11.54
C TRP A 288 -19.15 1.24 -10.87
N ALA A 289 -18.29 1.87 -10.07
CA ALA A 289 -17.27 1.12 -9.32
C ALA A 289 -17.91 0.02 -8.47
N GLU A 290 -19.00 0.35 -7.79
CA GLU A 290 -19.66 -0.62 -6.93
C GLU A 290 -20.37 -1.69 -7.76
N ARG A 291 -21.02 -1.29 -8.86
N ARG A 291 -21.02 -1.29 -8.86
CA ARG A 291 -21.78 -2.25 -9.67
CA ARG A 291 -21.78 -2.22 -9.68
C ARG A 291 -20.86 -3.30 -10.30
C ARG A 291 -20.86 -3.28 -10.31
N PHE A 292 -19.74 -2.85 -10.88
CA PHE A 292 -18.81 -3.79 -11.51
C PHE A 292 -18.02 -4.60 -10.46
N ARG A 293 -17.75 -4.03 -9.29
CA ARG A 293 -17.23 -4.85 -8.19
C ARG A 293 -18.18 -5.99 -7.87
N ALA A 294 -19.46 -5.68 -7.61
CA ALA A 294 -20.45 -6.71 -7.34
C ALA A 294 -20.56 -7.69 -8.50
N GLY A 295 -20.54 -7.18 -9.74
CA GLY A 295 -20.63 -8.07 -10.91
C GLY A 295 -19.47 -9.05 -11.01
N VAL A 296 -18.28 -8.61 -10.64
CA VAL A 296 -17.13 -9.51 -10.64
C VAL A 296 -17.29 -10.57 -9.56
N VAL A 297 -17.72 -10.17 -8.36
CA VAL A 297 -17.86 -11.12 -7.26
C VAL A 297 -18.95 -12.16 -7.56
N GLU A 298 -19.96 -11.80 -8.36
CA GLU A 298 -21.03 -12.75 -8.62
C GLU A 298 -20.56 -13.93 -9.47
N THR A 299 -19.47 -13.78 -10.20
CA THR A 299 -18.95 -14.86 -11.01
C THR A 299 -18.10 -15.85 -10.24
N THR A 300 -17.80 -15.58 -8.97
CA THR A 300 -16.69 -16.27 -8.32
C THR A 300 -17.06 -17.66 -7.84
N ASP A 301 -16.06 -18.55 -7.91
CA ASP A 301 -16.16 -19.89 -7.37
C ASP A 301 -16.30 -19.82 -5.85
N GLN A 302 -17.20 -20.65 -5.29
CA GLN A 302 -17.55 -20.54 -3.89
C GLN A 302 -16.47 -21.12 -2.98
N ARG A 303 -15.61 -21.97 -3.51
CA ARG A 303 -14.51 -22.55 -2.74
C ARG A 303 -13.23 -21.69 -2.84
N THR A 304 -12.81 -21.31 -4.06
CA THR A 304 -11.52 -20.66 -4.23
C THR A 304 -11.60 -19.15 -4.47
N GLY A 305 -12.79 -18.61 -4.71
CA GLY A 305 -12.94 -17.20 -5.04
C GLY A 305 -12.55 -16.82 -6.45
N ALA A 306 -12.21 -17.80 -7.28
CA ALA A 306 -11.76 -17.52 -8.64
C ALA A 306 -12.90 -17.00 -9.51
N ALA A 307 -12.62 -15.98 -10.31
CA ALA A 307 -13.62 -15.36 -11.18
C ALA A 307 -13.72 -16.08 -12.52
N ARG A 308 -14.93 -16.15 -13.04
CA ARG A 308 -15.23 -16.82 -14.30
C ARG A 308 -15.71 -15.79 -15.30
N ASP A 309 -15.31 -15.95 -16.55
CA ASP A 309 -15.97 -15.21 -17.61
C ASP A 309 -17.30 -15.87 -17.98
N PHE A 310 -18.15 -15.13 -18.69
CA PHE A 310 -19.46 -15.62 -19.06
C PHE A 310 -19.62 -15.57 -20.59
N ASP A 311 -19.98 -16.69 -21.18
CA ASP A 311 -20.31 -16.74 -22.60
C ASP A 311 -21.80 -16.40 -22.71
N VAL A 312 -22.08 -15.19 -23.24
CA VAL A 312 -23.45 -14.67 -23.30
C VAL A 312 -24.30 -15.47 -24.28
N LEU A 313 -23.70 -15.89 -25.40
CA LEU A 313 -24.47 -16.62 -26.41
C LEU A 313 -24.87 -18.00 -25.91
N ALA A 314 -23.94 -18.70 -25.28
CA ALA A 314 -24.20 -20.05 -24.79
C ALA A 314 -24.77 -20.06 -23.38
N GLU A 315 -24.69 -18.94 -22.67
CA GLU A 315 -25.24 -18.82 -21.32
C GLU A 315 -24.56 -19.79 -20.36
N LYS A 316 -23.22 -19.79 -20.39
CA LYS A 316 -22.47 -20.63 -19.45
C LYS A 316 -21.22 -19.92 -18.96
N TRP A 317 -20.87 -20.23 -17.71
CA TRP A 317 -19.65 -19.75 -17.11
C TRP A 317 -18.45 -20.42 -17.77
N LEU A 318 -17.43 -19.63 -18.04
CA LEU A 318 -16.19 -20.12 -18.64
C LEU A 318 -15.18 -20.37 -17.51
N VAL A 319 -14.87 -21.64 -17.30
CA VAL A 319 -13.95 -22.06 -16.24
C VAL A 319 -12.61 -22.37 -16.91
N THR A 320 -11.65 -21.46 -16.78
CA THR A 320 -10.30 -21.69 -17.27
C THR A 320 -9.32 -21.33 -16.14
N GLU A 321 -8.06 -21.73 -16.26
CA GLU A 321 -7.06 -21.47 -15.23
C GLU A 321 -6.04 -20.45 -15.74
N THR A 322 -6.47 -19.19 -15.85
CA THR A 322 -5.61 -18.12 -16.32
C THR A 322 -5.51 -17.04 -15.25
N ALA A 323 -4.58 -16.09 -15.45
CA ALA A 323 -4.43 -14.99 -14.50
C ALA A 323 -5.70 -14.16 -14.33
N ALA A 324 -6.64 -14.24 -15.27
CA ALA A 324 -7.87 -13.47 -15.13
C ALA A 324 -8.74 -13.98 -13.98
N GLN A 325 -8.51 -15.22 -13.50
CA GLN A 325 -9.21 -15.71 -12.31
C GLN A 325 -9.03 -14.79 -11.10
N PHE A 326 -7.89 -14.08 -11.03
CA PHE A 326 -7.57 -13.24 -9.89
C PHE A 326 -8.14 -11.81 -10.00
N ALA A 327 -8.98 -11.54 -11.01
CA ALA A 327 -9.75 -10.28 -11.08
C ALA A 327 -10.28 -9.78 -9.73
N PRO A 328 -10.94 -10.58 -8.88
CA PRO A 328 -11.43 -10.03 -7.60
C PRO A 328 -10.33 -9.46 -6.69
N LEU A 329 -9.08 -9.91 -6.83
CA LEU A 329 -8.02 -9.31 -6.00
C LEU A 329 -7.84 -7.85 -6.34
N LEU A 330 -8.16 -7.47 -7.59
CA LEU A 330 -7.96 -6.11 -8.09
C LEU A 330 -9.00 -5.14 -7.53
N CYS A 331 -10.28 -5.51 -7.62
CA CYS A 331 -11.35 -4.58 -7.29
C CYS A 331 -11.90 -4.77 -5.89
N GLY A 332 -11.52 -5.83 -5.19
CA GLY A 332 -12.12 -6.16 -3.91
C GLY A 332 -13.55 -6.66 -4.08
N GLY A 333 -14.19 -6.91 -2.96
CA GLY A 333 -15.56 -7.37 -2.94
C GLY A 333 -15.79 -8.75 -2.36
N LEU A 334 -14.78 -9.63 -2.34
CA LEU A 334 -15.00 -10.98 -1.85
C LEU A 334 -15.13 -10.98 -0.33
N PRO A 335 -15.95 -11.89 0.23
CA PRO A 335 -15.88 -12.13 1.69
C PRO A 335 -14.45 -12.49 2.06
N HIS A 336 -14.05 -12.01 3.23
CA HIS A 336 -12.73 -12.28 3.80
C HIS A 336 -12.22 -13.71 3.58
N ASP A 337 -13.06 -14.71 3.84
CA ASP A 337 -12.63 -16.11 3.76
C ASP A 337 -12.36 -16.53 2.33
N ARG A 338 -13.16 -16.04 1.37
CA ARG A 338 -12.96 -16.40 -0.03
C ARG A 338 -11.76 -15.67 -0.63
N GLU A 339 -11.40 -14.50 -0.10
CA GLU A 339 -10.26 -13.82 -0.71
C GLU A 339 -8.95 -14.42 -0.21
N ARG A 340 -8.95 -14.91 1.04
CA ARG A 340 -7.83 -15.70 1.55
C ARG A 340 -7.61 -16.96 0.70
N ALA A 341 -8.69 -17.67 0.34
CA ALA A 341 -8.57 -18.81 -0.55
C ALA A 341 -8.02 -18.40 -1.91
N LEU A 342 -8.45 -17.25 -2.42
CA LEU A 342 -7.99 -16.83 -3.73
C LEU A 342 -6.53 -16.39 -3.69
N LEU A 343 -6.14 -15.71 -2.61
CA LEU A 343 -4.73 -15.37 -2.45
C LEU A 343 -3.90 -16.63 -2.34
N LYS A 344 -4.44 -17.64 -1.65
CA LYS A 344 -3.72 -18.90 -1.50
C LYS A 344 -3.53 -19.59 -2.86
N LEU A 345 -4.54 -19.48 -3.74
CA LEU A 345 -4.39 -20.01 -5.10
C LEU A 345 -3.33 -19.25 -5.90
N LEU A 346 -3.29 -17.93 -5.75
CA LEU A 346 -2.30 -17.13 -6.48
C LEU A 346 -0.86 -17.50 -6.10
N GLU A 347 -0.61 -17.74 -4.81
CA GLU A 347 0.73 -17.94 -4.27
C GLU A 347 1.18 -19.39 -4.29
N GLY A 348 0.26 -20.32 -4.44
CA GLY A 348 0.58 -21.71 -4.33
C GLY A 348 1.07 -22.32 -5.62
N PRO A 349 1.18 -23.65 -5.64
CA PRO A 349 1.93 -24.32 -6.71
C PRO A 349 1.28 -24.21 -8.08
N ARG A 350 0.05 -23.68 -8.19
CA ARG A 350 -0.58 -23.58 -9.50
C ARG A 350 -0.25 -22.30 -10.23
N PHE A 351 0.20 -21.27 -9.52
CA PHE A 351 0.61 -20.03 -10.16
C PHE A 351 2.00 -19.60 -9.65
N CYS A 352 2.06 -18.54 -8.83
CA CYS A 352 3.35 -17.97 -8.42
C CYS A 352 4.26 -18.95 -7.72
N GLY A 353 3.70 -19.95 -7.03
CA GLY A 353 4.52 -20.86 -6.29
C GLY A 353 4.91 -22.12 -7.03
N HIS A 354 4.68 -22.19 -8.34
CA HIS A 354 5.05 -23.39 -9.07
C HIS A 354 6.56 -23.61 -8.97
N PRO A 355 7.02 -24.83 -8.69
CA PRO A 355 8.45 -25.02 -8.40
C PRO A 355 9.39 -24.80 -9.58
N ASP A 356 8.91 -24.84 -10.81
CA ASP A 356 9.81 -24.72 -11.95
C ASP A 356 9.94 -23.30 -12.46
N LEU A 357 9.20 -22.34 -11.89
CA LEU A 357 9.24 -20.98 -12.40
C LEU A 357 10.57 -20.33 -12.05
N LYS A 358 11.13 -19.61 -13.00
CA LYS A 358 12.37 -18.90 -12.72
C LYS A 358 12.12 -17.72 -11.78
N TYR A 359 11.02 -16.98 -11.98
CA TYR A 359 10.69 -15.81 -11.17
C TYR A 359 9.36 -16.02 -10.46
N GLY A 360 9.22 -15.42 -9.27
CA GLY A 360 7.99 -15.47 -8.49
C GLY A 360 6.92 -14.56 -9.03
N LEU A 361 6.40 -14.88 -10.23
CA LEU A 361 5.57 -13.99 -11.03
C LEU A 361 4.36 -14.78 -11.55
N ILE A 362 3.38 -14.07 -12.09
CA ILE A 362 2.08 -14.66 -12.41
C ILE A 362 2.10 -15.12 -13.87
N PRO A 363 2.12 -16.42 -14.15
CA PRO A 363 2.00 -16.85 -15.55
C PRO A 363 0.62 -16.54 -16.09
N SER A 364 0.56 -16.26 -17.40
CA SER A 364 -0.73 -15.88 -17.98
C SER A 364 -1.72 -17.04 -17.90
N THR A 365 -1.23 -18.29 -17.98
CA THR A 365 -2.03 -19.49 -17.77
C THR A 365 -1.28 -20.36 -16.77
N SER A 366 -2.03 -21.06 -15.91
CA SER A 366 -1.40 -21.91 -14.90
C SER A 366 -0.57 -23.01 -15.54
N PRO A 367 0.69 -23.20 -15.12
CA PRO A 367 1.53 -24.27 -15.70
C PRO A 367 0.97 -25.67 -15.51
N VAL A 368 0.07 -25.89 -14.56
CA VAL A 368 -0.50 -27.23 -14.39
C VAL A 368 -1.78 -27.43 -15.18
N SER A 369 -2.27 -26.37 -15.85
CA SER A 369 -3.43 -26.50 -16.70
C SER A 369 -3.10 -27.21 -18.00
N ARG A 370 -4.05 -27.99 -18.50
CA ARG A 370 -3.93 -28.61 -19.80
C ARG A 370 -3.81 -27.58 -20.91
N ASP A 371 -4.32 -26.37 -20.71
CA ASP A 371 -4.19 -25.34 -21.73
C ASP A 371 -2.81 -24.68 -21.77
N PHE A 372 -1.94 -24.97 -20.81
CA PHE A 372 -0.67 -24.25 -20.70
C PHE A 372 0.25 -24.54 -21.89
N ARG A 373 0.74 -23.47 -22.53
CA ARG A 373 1.84 -23.61 -23.48
C ARG A 373 2.90 -22.60 -23.04
N PRO A 374 4.15 -23.04 -22.82
CA PRO A 374 5.14 -22.12 -22.20
C PRO A 374 5.58 -20.98 -23.11
N ARG A 375 5.39 -21.09 -24.43
CA ARG A 375 5.85 -20.10 -25.37
C ARG A 375 4.73 -19.27 -25.99
N GLU A 376 3.47 -19.68 -25.84
CA GLU A 376 2.42 -19.27 -26.79
C GLU A 376 1.57 -18.11 -26.27
N TYR A 377 2.20 -16.92 -26.21
CA TYR A 377 1.45 -15.66 -26.13
C TYR A 377 0.73 -15.51 -24.78
N TRP A 378 -0.60 -15.58 -24.73
CA TRP A 378 -1.33 -15.51 -23.46
C TRP A 378 -1.66 -16.89 -22.89
N ARG A 379 -1.10 -17.96 -23.44
CA ARG A 379 -1.42 -19.30 -22.96
C ARG A 379 -0.41 -19.82 -21.93
N GLY A 380 0.30 -18.95 -21.21
CA GLY A 380 1.32 -19.41 -20.29
C GLY A 380 2.41 -18.41 -19.92
N PRO A 381 3.01 -17.70 -20.94
CA PRO A 381 4.11 -16.78 -20.65
C PRO A 381 3.81 -15.77 -19.56
N VAL A 382 4.86 -15.27 -18.90
CA VAL A 382 4.76 -14.20 -17.91
C VAL A 382 4.86 -12.85 -18.62
N TRP A 383 3.87 -11.96 -18.38
CA TRP A 383 3.87 -10.64 -19.01
C TRP A 383 4.23 -9.55 -18.01
N PRO A 384 5.34 -8.79 -18.19
CA PRO A 384 5.62 -7.69 -17.26
C PRO A 384 4.45 -6.75 -17.04
N VAL A 385 3.61 -6.52 -18.07
CA VAL A 385 2.53 -5.56 -17.93
C VAL A 385 1.53 -6.02 -16.88
N LEU A 386 1.28 -7.34 -16.79
CA LEU A 386 0.38 -7.89 -15.78
C LEU A 386 0.99 -7.85 -14.39
N THR A 387 2.29 -8.17 -14.28
CA THR A 387 3.00 -7.95 -13.03
C THR A 387 2.79 -6.53 -12.53
N TRP A 388 2.97 -5.55 -13.41
CA TRP A 388 2.82 -4.16 -13.00
C TRP A 388 1.42 -3.91 -12.47
N LEU A 389 0.41 -4.30 -13.26
CA LEU A 389 -0.97 -4.03 -12.89
C LEU A 389 -1.35 -4.70 -11.56
N PHE A 390 -0.96 -5.96 -11.38
CA PHE A 390 -1.23 -6.62 -10.10
C PHE A 390 -0.47 -5.97 -8.97
N SER A 391 0.80 -5.62 -9.19
N SER A 391 0.80 -5.59 -9.20
CA SER A 391 1.57 -4.97 -8.13
CA SER A 391 1.57 -4.97 -8.13
C SER A 391 0.89 -3.66 -7.72
C SER A 391 0.97 -3.63 -7.73
N TRP A 392 0.50 -2.86 -8.70
CA TRP A 392 -0.09 -1.57 -8.40
C TRP A 392 -1.46 -1.74 -7.72
N CYS A 393 -2.27 -2.67 -8.22
CA CYS A 393 -3.55 -2.92 -7.56
C CYS A 393 -3.36 -3.50 -6.17
N PHE A 394 -2.34 -4.35 -5.97
CA PHE A 394 -2.14 -4.96 -4.67
C PHE A 394 -1.77 -3.90 -3.64
N ALA A 395 -0.85 -2.98 -4.03
CA ALA A 395 -0.49 -1.89 -3.12
C ALA A 395 -1.71 -1.06 -2.76
N ARG A 396 -2.61 -0.82 -3.73
N ARG A 396 -2.59 -0.81 -3.73
CA ARG A 396 -3.82 -0.08 -3.46
CA ARG A 396 -3.84 -0.09 -3.47
C ARG A 396 -4.75 -0.84 -2.51
C ARG A 396 -4.71 -0.84 -2.48
N ARG A 397 -4.66 -2.17 -2.48
CA ARG A 397 -5.45 -2.95 -1.54
C ARG A 397 -4.86 -2.86 -0.14
N GLY A 398 -3.62 -2.37 -0.02
CA GLY A 398 -2.92 -2.30 1.23
C GLY A 398 -1.98 -3.46 1.44
N TRP A 399 -1.80 -4.33 0.45
CA TRP A 399 -0.89 -5.47 0.55
C TRP A 399 0.53 -5.04 0.14
N ALA A 400 1.12 -4.20 1.00
CA ALA A 400 2.43 -3.62 0.72
C ALA A 400 3.48 -4.69 0.43
N GLU A 401 3.60 -5.72 1.29
CA GLU A 401 4.66 -6.70 1.08
C GLU A 401 4.41 -7.52 -0.20
N ARG A 402 3.17 -7.92 -0.47
CA ARG A 402 2.85 -8.62 -1.71
C ARG A 402 3.19 -7.76 -2.93
N ALA A 403 2.76 -6.49 -2.93
CA ALA A 403 3.07 -5.61 -4.05
C ALA A 403 4.58 -5.49 -4.24
N ARG A 404 5.33 -5.38 -3.13
CA ARG A 404 6.78 -5.23 -3.21
C ARG A 404 7.45 -6.46 -3.80
N LEU A 405 6.97 -7.66 -3.43
CA LEU A 405 7.58 -8.89 -3.95
C LEU A 405 7.36 -9.04 -5.46
N LEU A 406 6.17 -8.70 -5.96
CA LEU A 406 5.94 -8.69 -7.41
C LEU A 406 6.86 -7.69 -8.11
N ARG A 407 6.97 -6.47 -7.56
N ARG A 407 6.97 -6.47 -7.55
CA ARG A 407 7.85 -5.46 -8.15
CA ARG A 407 7.84 -5.45 -8.12
C ARG A 407 9.28 -5.95 -8.25
C ARG A 407 9.28 -5.93 -8.23
N GLN A 408 9.80 -6.54 -7.17
CA GLN A 408 11.18 -6.98 -7.13
C GLN A 408 11.44 -8.13 -8.10
N GLU A 409 10.51 -9.07 -8.22
CA GLU A 409 10.70 -10.15 -9.18
C GLU A 409 10.54 -9.65 -10.60
N GLY A 410 9.62 -8.70 -10.81
CA GLY A 410 9.50 -8.03 -12.09
C GLY A 410 10.77 -7.31 -12.51
N LEU A 411 11.41 -6.60 -11.57
CA LEU A 411 12.65 -5.91 -11.92
C LEU A 411 13.75 -6.90 -12.23
N ARG A 412 13.85 -7.95 -11.42
CA ARG A 412 14.87 -8.97 -11.63
C ARG A 412 14.72 -9.62 -13.00
N GLN A 413 13.49 -9.88 -13.42
CA GLN A 413 13.25 -10.41 -14.75
C GLN A 413 13.57 -9.39 -15.84
N ALA A 414 13.23 -8.12 -15.59
CA ALA A 414 13.47 -7.12 -16.62
C ALA A 414 14.94 -6.71 -16.73
N SER A 415 15.79 -7.13 -15.80
N SER A 415 15.78 -7.11 -15.79
CA SER A 415 17.16 -6.65 -15.68
CA SER A 415 17.15 -6.60 -15.71
C SER A 415 18.09 -7.16 -16.78
C SER A 415 17.97 -6.91 -16.96
N ASP A 416 17.60 -7.94 -17.73
CA ASP A 416 18.37 -8.26 -18.94
C ASP A 416 18.32 -7.12 -19.97
N GLY A 417 17.39 -6.18 -19.83
CA GLY A 417 17.29 -5.07 -20.75
C GLY A 417 16.68 -5.40 -22.09
N SER A 418 16.03 -6.56 -22.23
CA SER A 418 15.39 -6.90 -23.49
C SER A 418 14.06 -6.17 -23.67
N PHE A 419 13.40 -5.84 -22.56
CA PHE A 419 12.09 -5.18 -22.58
C PHE A 419 11.10 -5.95 -23.46
N ALA A 420 11.12 -7.26 -23.33
CA ALA A 420 10.23 -8.08 -24.12
C ALA A 420 8.81 -7.99 -23.57
N ALA A 421 7.85 -8.28 -24.45
CA ALA A 421 6.45 -8.23 -24.05
C ALA A 421 6.13 -9.34 -23.07
N TYR A 422 6.71 -10.52 -23.26
CA TYR A 422 6.43 -11.65 -22.37
C TYR A 422 7.65 -12.56 -22.36
N TYR A 423 7.70 -13.43 -21.35
CA TYR A 423 8.88 -14.24 -21.06
C TYR A 423 8.49 -15.69 -20.85
N GLU A 424 9.40 -16.59 -21.24
CA GLU A 424 9.20 -18.01 -20.99
C GLU A 424 9.19 -18.23 -19.47
N PRO A 425 8.17 -18.86 -18.91
CA PRO A 425 8.04 -18.86 -17.44
C PRO A 425 9.08 -19.71 -16.72
N PHE A 426 9.65 -20.73 -17.36
CA PHE A 426 10.61 -21.62 -16.72
C PHE A 426 12.05 -21.24 -17.00
N THR A 427 12.37 -20.80 -18.22
CA THR A 427 13.74 -20.44 -18.61
C THR A 427 14.02 -18.94 -18.56
N GLY A 428 12.99 -18.09 -18.58
CA GLY A 428 13.20 -16.66 -18.63
C GLY A 428 13.54 -16.10 -19.99
N GLU A 429 13.47 -16.90 -21.05
CA GLU A 429 13.79 -16.43 -22.38
C GLU A 429 12.83 -15.32 -22.81
N PRO A 430 13.33 -14.17 -23.26
CA PRO A 430 12.43 -13.13 -23.75
C PRO A 430 11.73 -13.62 -25.02
N LEU A 431 10.46 -13.26 -25.16
CA LEU A 431 9.63 -13.74 -26.26
C LEU A 431 8.83 -12.59 -26.84
N GLY A 432 8.15 -12.86 -27.96
CA GLY A 432 7.36 -11.81 -28.57
C GLY A 432 8.28 -10.72 -29.11
N SER A 433 7.79 -9.49 -29.12
CA SER A 433 8.63 -8.40 -29.59
C SER A 433 9.56 -7.94 -28.47
N MET A 434 10.82 -7.74 -28.81
CA MET A 434 11.69 -6.95 -27.96
C MET A 434 11.28 -5.49 -28.06
N GLN A 435 11.82 -4.67 -27.16
CA GLN A 435 11.56 -3.23 -27.18
C GLN A 435 10.08 -2.88 -27.10
N GLN A 436 9.33 -3.62 -26.29
CA GLN A 436 7.90 -3.37 -26.09
C GLN A 436 7.69 -2.18 -25.14
N SER A 437 6.99 -1.14 -25.62
CA SER A 437 6.94 0.12 -24.86
C SER A 437 6.37 -0.08 -23.45
N TRP A 438 5.35 -0.92 -23.30
CA TRP A 438 4.77 -0.98 -21.96
C TRP A 438 5.67 -1.74 -20.98
N THR A 439 6.60 -2.55 -21.47
CA THR A 439 7.54 -3.17 -20.54
C THR A 439 8.58 -2.15 -20.06
N ALA A 440 9.06 -1.29 -20.96
CA ALA A 440 9.90 -0.19 -20.51
C ALA A 440 9.14 0.70 -19.53
N ALA A 441 7.85 0.92 -19.78
CA ALA A 441 7.06 1.78 -18.90
C ALA A 441 6.89 1.18 -17.51
N ALA A 442 6.71 -0.13 -17.43
CA ALA A 442 6.63 -0.81 -16.15
C ALA A 442 7.90 -0.58 -15.33
N VAL A 443 9.05 -0.85 -15.97
CA VAL A 443 10.35 -0.68 -15.32
C VAL A 443 10.53 0.75 -14.83
N LEU A 444 10.25 1.73 -15.69
CA LEU A 444 10.40 3.13 -15.26
C LEU A 444 9.52 3.44 -14.05
N ASP A 445 8.24 3.05 -14.09
CA ASP A 445 7.39 3.33 -12.93
C ASP A 445 7.94 2.65 -11.68
N TRP A 446 8.38 1.39 -11.80
CA TRP A 446 8.92 0.70 -10.64
C TRP A 446 10.18 1.36 -10.07
N LEU A 447 11.09 1.82 -10.92
N LEU A 447 10.87 2.21 -10.88
CA LEU A 447 12.40 2.12 -10.37
CA LEU A 447 12.14 2.85 -10.54
C LEU A 447 12.35 3.30 -9.41
C LEU A 447 12.18 4.38 -10.65
N GLY A 448 11.32 4.14 -9.49
N GLY A 448 11.22 5.02 -11.33
CA GLY A 448 11.31 5.35 -8.69
CA GLY A 448 11.32 6.45 -11.61
C GLY A 448 12.60 6.11 -8.92
C GLY A 448 10.49 7.32 -10.66
N PRO B 4 31.37 18.74 4.70
CA PRO B 4 32.05 20.00 4.39
C PRO B 4 31.29 20.80 3.34
N HIS B 5 30.89 20.12 2.27
CA HIS B 5 29.89 20.59 1.32
C HIS B 5 28.58 19.82 1.43
N ASP B 6 28.62 18.58 1.88
CA ASP B 6 27.41 17.76 2.03
C ASP B 6 27.65 16.74 3.13
N PRO B 7 27.17 17.01 4.36
CA PRO B 7 27.40 16.07 5.47
C PRO B 7 26.37 14.97 5.55
N SER B 8 25.65 14.71 4.46
CA SER B 8 24.64 13.65 4.41
C SER B 8 25.23 12.36 3.83
N PHE B 9 24.77 11.23 4.38
CA PHE B 9 25.29 9.91 4.03
C PHE B 9 24.50 9.30 2.87
N THR B 10 25.19 8.49 2.07
CA THR B 10 24.55 7.68 1.03
C THR B 10 23.62 6.68 1.70
N PRO B 11 22.63 6.14 0.97
CA PRO B 11 21.76 5.12 1.58
C PRO B 11 22.54 3.93 2.15
N THR B 12 23.59 3.43 1.47
CA THR B 12 24.37 2.33 2.03
C THR B 12 25.13 2.74 3.28
N GLN B 13 25.75 3.92 3.26
CA GLN B 13 26.39 4.43 4.47
C GLN B 13 25.38 4.56 5.61
N LEU B 14 24.20 5.09 5.31
CA LEU B 14 23.20 5.30 6.36
C LEU B 14 22.74 3.98 6.95
N ALA B 15 22.51 2.98 6.09
CA ALA B 15 22.08 1.67 6.58
C ALA B 15 23.16 1.05 7.45
N ALA B 16 24.41 1.17 7.02
CA ALA B 16 25.50 0.57 7.79
C ALA B 16 25.62 1.23 9.15
N ARG B 17 25.54 2.55 9.17
CA ARG B 17 25.64 3.27 10.44
C ARG B 17 24.46 2.95 11.37
N ALA B 18 23.28 2.69 10.80
CA ALA B 18 22.10 2.38 11.60
C ALA B 18 22.26 1.03 12.24
N ALA B 19 22.69 0.03 11.46
CA ALA B 19 22.91 -1.30 11.99
C ALA B 19 24.02 -1.29 13.03
N TYR B 20 25.04 -0.47 12.79
CA TYR B 20 26.15 -0.37 13.71
C TYR B 20 25.71 0.21 15.05
N LEU B 21 24.86 1.24 15.02
CA LEU B 21 24.28 1.77 16.25
C LEU B 21 23.47 0.70 17.00
N LEU B 22 22.58 -0.01 16.30
CA LEU B 22 21.69 -0.98 16.94
C LEU B 22 22.49 -2.06 17.65
N ARG B 23 23.56 -2.53 17.04
CA ARG B 23 24.36 -3.57 17.66
C ARG B 23 25.15 -3.00 18.84
N GLY B 24 25.61 -1.74 18.71
CA GLY B 24 26.30 -1.06 19.79
C GLY B 24 25.41 -0.74 20.99
N ASN B 25 24.09 -0.81 20.83
CA ASN B 25 23.18 -0.61 21.95
C ASN B 25 22.67 -1.91 22.54
N ASP B 26 23.14 -3.05 22.03
CA ASP B 26 22.71 -4.37 22.48
C ASP B 26 23.53 -4.80 23.71
N LEU B 27 22.85 -4.99 24.85
CA LEU B 27 23.51 -5.47 26.05
C LEU B 27 23.66 -7.00 26.09
N GLY B 28 23.12 -7.70 25.09
CA GLY B 28 23.13 -9.15 25.08
C GLY B 28 21.79 -9.70 24.66
N THR B 29 20.80 -9.58 25.54
CA THR B 29 19.42 -10.02 25.24
C THR B 29 18.45 -8.87 25.11
N MET B 30 18.86 -7.64 25.40
CA MET B 30 17.99 -6.49 25.25
C MET B 30 18.79 -5.35 24.65
N THR B 31 18.09 -4.43 23.99
CA THR B 31 18.72 -3.28 23.35
C THR B 31 18.30 -2.02 24.12
N THR B 32 19.26 -1.17 24.48
CA THR B 32 18.84 0.04 25.17
C THR B 32 18.13 0.99 24.19
N ALA B 33 17.24 1.81 24.73
CA ALA B 33 16.52 2.74 23.85
C ALA B 33 17.44 3.88 23.40
N ALA B 34 18.34 4.33 24.27
CA ALA B 34 19.41 5.25 23.88
C ALA B 34 20.57 5.09 24.86
N PRO B 35 21.83 5.23 24.39
CA PRO B 35 22.99 4.88 25.23
C PRO B 35 22.98 5.38 26.66
N LEU B 36 22.84 6.69 26.88
CA LEU B 36 22.91 7.23 28.24
C LEU B 36 21.57 7.73 28.77
N LEU B 37 20.75 8.36 27.93
CA LEU B 37 19.50 8.90 28.43
C LEU B 37 18.52 7.79 28.82
N TYR B 38 18.45 6.70 28.04
CA TYR B 38 17.52 5.59 28.28
C TYR B 38 18.26 4.26 28.26
N PRO B 39 19.09 3.97 29.28
CA PRO B 39 19.97 2.80 29.22
C PRO B 39 19.28 1.50 29.69
N HIS B 40 18.00 1.35 29.39
CA HIS B 40 17.23 0.14 29.72
C HIS B 40 16.35 -0.20 28.52
N MET B 41 15.59 -1.28 28.64
CA MET B 41 14.65 -1.66 27.60
C MET B 41 13.32 -0.95 27.83
N TRP B 42 12.87 -0.20 26.84
CA TRP B 42 11.54 0.40 26.83
C TRP B 42 10.62 -0.42 25.94
N SER B 43 9.31 -0.39 26.25
CA SER B 43 8.38 -1.36 25.67
C SER B 43 8.16 -1.10 24.17
N TRP B 44 7.59 0.05 23.80
CA TRP B 44 7.38 0.18 22.37
C TRP B 44 8.66 0.47 21.60
N ASP B 45 9.71 0.97 22.27
CA ASP B 45 11.02 1.04 21.62
C ASP B 45 11.49 -0.34 21.20
N ALA B 46 11.33 -1.32 22.10
CA ALA B 46 11.77 -2.67 21.81
C ALA B 46 11.03 -3.26 20.62
N ALA B 47 9.74 -2.93 20.46
CA ALA B 47 9.02 -3.36 19.27
C ALA B 47 9.69 -2.80 18.01
N PHE B 48 9.98 -1.50 17.99
CA PHE B 48 10.62 -0.91 16.83
C PHE B 48 12.01 -1.46 16.63
N VAL B 49 12.73 -1.69 17.73
CA VAL B 49 14.04 -2.28 17.62
C VAL B 49 13.96 -3.66 16.98
N ALA B 50 12.93 -4.44 17.32
CA ALA B 50 12.80 -5.74 16.68
C ALA B 50 12.52 -5.60 15.19
N ILE B 51 11.77 -4.57 14.80
CA ILE B 51 11.57 -4.26 13.38
C ILE B 51 12.90 -3.95 12.71
N GLY B 52 13.79 -3.22 13.41
CA GLY B 52 15.08 -2.89 12.85
C GLY B 52 16.06 -4.05 12.82
N LEU B 53 15.91 -5.00 13.75
CA LEU B 53 16.80 -6.17 13.73
C LEU B 53 16.40 -7.20 12.69
N ALA B 54 15.11 -7.27 12.36
CA ALA B 54 14.62 -8.27 11.42
C ALA B 54 15.39 -8.33 10.10
N PRO B 55 15.77 -7.20 9.44
CA PRO B 55 16.69 -7.30 8.27
C PRO B 55 18.09 -7.81 8.59
N LEU B 56 18.56 -7.69 9.83
CA LEU B 56 19.92 -8.08 10.19
C LEU B 56 19.99 -9.51 10.71
N SER B 57 18.99 -9.92 11.49
CA SER B 57 19.00 -11.22 12.15
C SER B 57 17.61 -11.51 12.70
N VAL B 58 16.90 -12.43 12.07
CA VAL B 58 15.59 -12.82 12.57
C VAL B 58 15.74 -13.42 13.96
N GLU B 59 16.80 -14.22 14.17
CA GLU B 59 17.06 -14.80 15.50
C GLU B 59 17.17 -13.73 16.56
N ARG B 60 17.92 -12.65 16.29
CA ARG B 60 18.13 -11.64 17.30
C ARG B 60 16.90 -10.77 17.48
N ALA B 61 16.17 -10.50 16.39
CA ALA B 61 14.91 -9.76 16.50
C ALA B 61 13.92 -10.49 17.41
N VAL B 62 13.85 -11.82 17.27
CA VAL B 62 12.96 -12.64 18.06
C VAL B 62 13.38 -12.62 19.52
N VAL B 63 14.70 -12.62 19.77
CA VAL B 63 15.23 -12.56 21.13
C VAL B 63 14.79 -11.27 21.82
N GLU B 64 14.77 -10.16 21.08
CA GLU B 64 14.37 -8.90 21.70
C GLU B 64 12.97 -8.99 22.27
N LEU B 65 12.06 -9.58 21.51
CA LEU B 65 10.67 -9.71 21.94
C LEU B 65 10.53 -10.77 23.02
N ASP B 66 11.27 -11.88 22.91
CA ASP B 66 11.33 -12.85 23.99
C ASP B 66 11.74 -12.20 25.31
N THR B 67 12.72 -11.30 25.28
CA THR B 67 13.17 -10.68 26.52
C THR B 67 12.10 -9.76 27.08
N LEU B 68 11.40 -9.04 26.23
CA LEU B 68 10.33 -8.17 26.70
C LEU B 68 9.18 -8.99 27.28
N LEU B 69 8.77 -10.06 26.59
CA LEU B 69 7.70 -10.90 27.08
C LEU B 69 8.10 -11.68 28.33
N SER B 70 9.40 -11.99 28.54
CA SER B 70 9.79 -12.59 29.82
C SER B 70 9.51 -11.64 31.00
N ALA B 71 9.32 -10.35 30.74
CA ALA B 71 9.02 -9.37 31.78
C ALA B 71 7.52 -9.09 31.91
N GLN B 72 6.69 -9.77 31.14
CA GLN B 72 5.25 -9.58 31.23
C GLN B 72 4.74 -9.92 32.62
N TRP B 73 3.80 -9.10 33.10
CA TRP B 73 3.16 -9.30 34.38
C TRP B 73 2.17 -10.47 34.35
N ARG B 74 1.84 -10.97 35.54
CA ARG B 74 1.00 -12.15 35.66
C ARG B 74 -0.41 -11.92 35.12
N ASN B 75 -0.88 -10.68 35.09
CA ASN B 75 -2.18 -10.34 34.53
C ASN B 75 -2.12 -10.09 33.03
N GLY B 76 -0.94 -10.08 32.43
CA GLY B 76 -0.80 -9.86 31.00
C GLY B 76 -0.18 -8.53 30.62
N MET B 77 -0.08 -7.60 31.57
CA MET B 77 0.41 -6.28 31.22
C MET B 77 1.88 -6.35 30.82
N ILE B 78 2.21 -5.74 29.70
CA ILE B 78 3.62 -5.50 29.34
C ILE B 78 4.03 -4.16 29.95
N PRO B 79 4.97 -4.15 30.90
CA PRO B 79 5.40 -2.88 31.51
C PRO B 79 6.29 -2.05 30.57
N HIS B 80 6.28 -0.71 30.78
CA HIS B 80 6.93 0.13 29.77
C HIS B 80 8.44 0.19 29.91
N ILE B 81 9.01 -0.11 31.08
CA ILE B 81 10.46 -0.26 31.24
C ILE B 81 10.76 -1.65 31.77
N VAL B 82 11.74 -2.31 31.18
CA VAL B 82 12.38 -3.49 31.76
C VAL B 82 13.82 -3.07 32.07
N PHE B 83 14.14 -3.00 33.36
CA PHE B 83 15.44 -2.48 33.77
C PHE B 83 16.53 -3.51 33.54
N ALA B 84 17.67 -3.02 33.07
CA ALA B 84 18.83 -3.88 32.89
C ALA B 84 19.56 -4.00 34.21
N ASN B 85 20.11 -5.19 34.47
CA ASN B 85 20.70 -5.48 35.75
C ASN B 85 21.89 -4.58 36.02
N GLY B 86 21.84 -3.83 37.13
CA GLY B 86 22.95 -3.05 37.61
C GLY B 86 23.06 -1.65 37.07
N VAL B 87 22.22 -1.27 36.10
CA VAL B 87 22.36 -0.01 35.40
C VAL B 87 21.53 1.05 36.12
N ASP B 88 22.20 2.10 36.58
CA ASP B 88 21.57 3.28 37.14
C ASP B 88 21.66 4.42 36.12
N GLY B 89 21.41 5.64 36.58
CA GLY B 89 21.44 6.78 35.68
C GLY B 89 20.16 7.08 34.95
N TYR B 90 19.09 6.32 35.18
CA TYR B 90 17.74 6.69 34.76
C TYR B 90 16.85 6.84 35.99
N PHE B 91 16.20 7.99 36.10
CA PHE B 91 15.19 8.18 37.13
C PHE B 91 13.83 8.44 36.51
N PRO B 92 12.75 7.82 37.03
CA PRO B 92 12.71 6.90 38.17
C PRO B 92 13.17 5.48 37.87
N GLY B 93 14.10 4.97 38.67
CA GLY B 93 14.59 3.63 38.55
C GLY B 93 13.77 2.65 39.37
N PRO B 94 14.25 1.40 39.45
CA PRO B 94 13.44 0.34 40.08
C PRO B 94 13.13 0.61 41.54
N ALA B 95 14.07 1.21 42.27
CA ALA B 95 13.81 1.52 43.67
C ALA B 95 12.59 2.42 43.80
N ARG B 96 12.48 3.42 42.93
CA ARG B 96 11.37 4.38 43.00
C ARG B 96 10.03 3.70 42.72
N TRP B 97 9.98 2.82 41.71
CA TRP B 97 8.73 2.12 41.41
C TRP B 97 8.40 1.11 42.50
N ALA B 98 9.41 0.42 43.03
CA ALA B 98 9.23 -0.60 44.06
C ALA B 98 8.24 -1.67 43.64
N THR B 99 8.17 -1.98 42.34
CA THR B 99 7.19 -2.93 41.85
C THR B 99 7.50 -4.34 42.31
N ALA B 100 8.79 -4.69 42.37
CA ALA B 100 9.16 -6.03 42.83
C ALA B 100 8.71 -6.30 44.26
N THR B 101 8.48 -5.24 45.04
CA THR B 101 8.01 -5.36 46.42
C THR B 101 6.49 -5.36 46.53
N LEU B 102 5.85 -4.38 45.89
CA LEU B 102 4.44 -4.08 46.10
C LEU B 102 3.51 -4.76 45.10
N ALA B 103 3.98 -5.08 43.91
CA ALA B 103 3.10 -5.56 42.84
C ALA B 103 3.02 -7.09 42.89
N ASP B 104 1.84 -7.61 43.22
CA ASP B 104 1.67 -9.07 43.23
C ASP B 104 1.87 -9.66 41.84
N ASN B 105 1.55 -8.89 40.80
CA ASN B 105 1.61 -9.41 39.44
C ASN B 105 2.96 -9.19 38.77
N ALA B 106 3.90 -8.52 39.43
CA ALA B 106 5.19 -8.25 38.82
C ALA B 106 5.96 -9.56 38.58
N PRO B 107 6.77 -9.61 37.53
CA PRO B 107 7.49 -10.84 37.23
C PRO B 107 8.59 -11.09 38.25
N ARG B 108 8.96 -12.37 38.37
CA ARG B 108 10.10 -12.78 39.19
C ARG B 108 11.41 -12.68 38.39
N ASN B 109 12.45 -12.19 39.07
CA ASN B 109 13.81 -12.04 38.50
C ASN B 109 13.83 -11.21 37.21
N ARG B 110 12.94 -10.22 37.14
CA ARG B 110 13.06 -9.08 36.25
C ARG B 110 12.61 -7.86 37.05
N LEU B 111 13.33 -6.75 36.92
CA LEU B 111 12.91 -5.48 37.51
C LEU B 111 12.25 -4.66 36.41
N THR B 112 10.99 -4.25 36.64
CA THR B 112 10.19 -3.55 35.65
C THR B 112 9.52 -2.34 36.28
N SER B 113 9.02 -1.46 35.43
CA SER B 113 8.16 -0.37 35.84
C SER B 113 6.76 -0.91 36.12
N GLY B 114 5.84 0.00 36.47
CA GLY B 114 4.52 -0.41 36.88
C GLY B 114 3.40 0.12 36.00
N ILE B 115 3.76 0.67 34.84
CA ILE B 115 2.78 1.19 33.92
C ILE B 115 3.07 0.56 32.56
N THR B 116 2.27 0.93 31.57
CA THR B 116 2.30 0.26 30.29
C THR B 116 2.68 1.26 29.19
N GLN B 117 2.59 0.82 27.94
CA GLN B 117 2.94 1.60 26.76
C GLN B 117 2.24 0.97 25.55
N PRO B 118 2.17 1.70 24.43
CA PRO B 118 1.26 1.29 23.34
C PRO B 118 1.61 -0.06 22.77
N PRO B 119 0.61 -0.79 22.24
CA PRO B 119 0.81 -2.17 21.74
C PRO B 119 1.20 -2.23 20.27
N VAL B 120 2.40 -1.74 19.94
CA VAL B 120 2.92 -1.89 18.58
C VAL B 120 3.57 -3.25 18.35
N HIS B 121 3.62 -4.09 19.37
CA HIS B 121 4.37 -5.35 19.30
C HIS B 121 3.91 -6.26 18.16
N ALA B 122 2.60 -6.41 17.95
CA ALA B 122 2.11 -7.25 16.85
C ALA B 122 2.64 -6.77 15.50
N ILE B 123 2.75 -5.45 15.30
CA ILE B 123 3.35 -4.93 14.07
C ILE B 123 4.76 -5.47 13.90
N ALA B 124 5.57 -5.41 14.96
CA ALA B 124 6.90 -6.02 14.93
C ALA B 124 6.85 -7.49 14.52
N VAL B 125 5.90 -8.25 15.08
CA VAL B 125 5.82 -9.68 14.75
C VAL B 125 5.58 -9.85 13.25
N GLN B 126 4.71 -9.03 12.66
CA GLN B 126 4.47 -9.08 11.22
C GLN B 126 5.75 -8.85 10.43
N ARG B 127 6.50 -7.80 10.77
CA ARG B 127 7.73 -7.50 10.04
C ARG B 127 8.71 -8.65 10.14
N ILE B 128 8.84 -9.27 11.32
CA ILE B 128 9.71 -10.41 11.50
C ILE B 128 9.28 -11.57 10.61
N LEU B 129 7.97 -11.82 10.56
CA LEU B 129 7.48 -12.91 9.73
C LEU B 129 7.70 -12.61 8.26
N GLU B 130 7.48 -11.36 7.84
CA GLU B 130 7.66 -11.04 6.43
C GLU B 130 9.11 -11.20 6.02
N HIS B 131 10.04 -10.74 6.87
CA HIS B 131 11.46 -10.93 6.60
C HIS B 131 11.79 -12.41 6.57
N ALA B 132 11.34 -13.17 7.57
CA ALA B 132 11.65 -14.59 7.66
C ALA B 132 11.19 -15.35 6.43
N ARG B 133 10.06 -14.97 5.84
CA ARG B 133 9.58 -15.67 4.65
C ARG B 133 10.50 -15.47 3.45
N THR B 134 11.20 -14.34 3.36
CA THR B 134 12.15 -14.17 2.28
C THR B 134 13.47 -14.89 2.51
N ARG B 135 13.69 -15.51 3.67
CA ARG B 135 15.01 -16.04 3.98
C ARG B 135 15.07 -17.57 4.01
N GLY B 136 13.96 -18.26 3.80
CA GLY B 136 14.09 -19.70 3.62
C GLY B 136 13.79 -20.51 4.88
N ARG B 137 13.92 -21.82 4.67
N ARG B 137 13.91 -21.83 4.71
CA ARG B 137 13.38 -22.86 5.55
CA ARG B 137 13.27 -22.78 5.62
C ARG B 137 13.75 -22.63 7.01
C ARG B 137 13.73 -22.58 7.07
N SER B 138 15.06 -22.60 7.31
CA SER B 138 15.50 -22.57 8.70
C SER B 138 15.16 -21.25 9.39
N THR B 139 15.12 -20.15 8.64
CA THR B 139 14.78 -18.86 9.23
C THR B 139 13.28 -18.76 9.52
N ARG B 140 12.44 -19.27 8.61
CA ARG B 140 11.01 -19.39 8.91
C ARG B 140 10.78 -20.22 10.15
N ALA B 141 11.58 -21.28 10.35
CA ALA B 141 11.39 -22.13 11.52
C ALA B 141 11.64 -21.35 12.82
N VAL B 142 12.65 -20.47 12.81
CA VAL B 142 12.92 -19.64 13.98
C VAL B 142 11.69 -18.80 14.31
N ALA B 143 11.14 -18.16 13.30
CA ALA B 143 10.04 -17.23 13.52
C ALA B 143 8.76 -17.98 13.89
N GLU B 144 8.53 -19.14 13.26
CA GLU B 144 7.39 -19.98 13.62
C GLU B 144 7.54 -20.52 15.03
N ALA B 145 8.75 -20.89 15.44
CA ALA B 145 8.93 -21.35 16.81
C ALA B 145 8.66 -20.23 17.79
N PHE B 146 8.87 -18.98 17.39
CA PHE B 146 8.59 -17.86 18.28
C PHE B 146 7.09 -17.71 18.48
N LEU B 147 6.33 -17.76 17.39
CA LEU B 147 4.87 -17.78 17.49
C LEU B 147 4.39 -18.89 18.41
N ASP B 148 4.89 -20.12 18.21
CA ASP B 148 4.51 -21.22 19.09
C ASP B 148 4.74 -20.87 20.55
N ARG B 149 5.89 -20.30 20.85
CA ARG B 149 6.31 -20.07 22.22
C ARG B 149 5.64 -18.83 22.85
N ARG B 150 5.17 -17.88 22.04
CA ARG B 150 4.75 -16.56 22.51
C ARG B 150 3.34 -16.13 22.11
N TRP B 151 2.67 -16.88 21.22
CA TRP B 151 1.28 -16.59 20.89
C TRP B 151 0.42 -16.41 22.14
N GLY B 152 0.57 -17.30 23.11
CA GLY B 152 -0.22 -17.17 24.34
C GLY B 152 0.06 -15.87 25.07
N ASP B 153 1.33 -15.46 25.11
CA ASP B 153 1.70 -14.23 25.82
C ASP B 153 1.18 -13.01 25.10
N LEU B 154 1.22 -13.02 23.76
CA LEU B 154 0.67 -11.90 23.00
C LEU B 154 -0.83 -11.80 23.21
N MET B 155 -1.54 -12.93 23.26
CA MET B 155 -2.99 -12.91 23.53
C MET B 155 -3.29 -12.30 24.90
N ARG B 156 -2.52 -12.71 25.92
N ARG B 156 -2.51 -12.69 25.92
CA ARG B 156 -2.76 -12.20 27.27
CA ARG B 156 -2.77 -12.20 27.27
C ARG B 156 -2.51 -10.70 27.33
C ARG B 156 -2.47 -10.70 27.38
N TRP B 157 -1.51 -10.22 26.59
CA TRP B 157 -1.27 -8.79 26.44
C TRP B 157 -2.48 -8.09 25.86
N HIS B 158 -2.96 -8.59 24.72
CA HIS B 158 -4.12 -7.95 24.10
C HIS B 158 -5.37 -8.09 24.96
N ARG B 159 -5.52 -9.23 25.66
CA ARG B 159 -6.71 -9.42 26.47
C ARG B 159 -6.68 -8.50 27.71
N TRP B 160 -5.49 -8.25 28.26
CA TRP B 160 -5.42 -7.38 29.44
C TRP B 160 -5.80 -5.94 29.09
N LEU B 161 -5.33 -5.46 27.93
CA LEU B 161 -5.78 -4.17 27.43
C LEU B 161 -7.29 -4.14 27.24
N ALA B 162 -7.85 -5.12 26.51
CA ALA B 162 -9.28 -5.11 26.22
C ALA B 162 -10.12 -5.21 27.48
N GLU B 163 -9.68 -5.98 28.47
CA GLU B 163 -10.52 -6.25 29.62
C GLU B 163 -10.23 -5.37 30.83
N CYS B 164 -8.98 -4.98 31.08
CA CYS B 164 -8.73 -4.17 32.27
C CYS B 164 -8.51 -2.69 31.99
N ARG B 165 -8.15 -2.32 30.76
CA ARG B 165 -8.01 -0.92 30.41
C ARG B 165 -9.18 -0.40 29.59
N ASP B 166 -10.14 -1.26 29.21
CA ASP B 166 -11.43 -0.85 28.65
C ASP B 166 -12.55 -1.55 29.44
N ARG B 167 -12.69 -1.18 30.72
CA ARG B 167 -13.58 -1.93 31.60
C ARG B 167 -15.05 -1.81 31.19
N ASN B 168 -15.42 -0.74 30.52
CA ASN B 168 -16.82 -0.50 30.19
C ASN B 168 -17.14 -0.84 28.73
N GLU B 169 -16.25 -1.56 28.04
CA GLU B 169 -16.39 -1.88 26.62
C GLU B 169 -16.76 -0.63 25.82
N ARG B 170 -15.93 0.40 25.96
CA ARG B 170 -16.08 1.61 25.17
C ARG B 170 -15.21 1.60 23.92
N GLY B 171 -14.34 0.62 23.77
CA GLY B 171 -13.44 0.63 22.63
C GLY B 171 -12.40 1.72 22.68
N ARG B 172 -12.04 2.18 23.88
CA ARG B 172 -10.92 3.10 24.07
C ARG B 172 -10.11 2.63 25.27
N ILE B 173 -8.80 2.82 25.20
CA ILE B 173 -7.89 2.41 26.28
C ILE B 173 -7.75 3.53 27.32
N THR B 174 -8.02 3.20 28.58
CA THR B 174 -7.80 4.14 29.68
C THR B 174 -6.35 4.12 30.17
N LEU B 175 -5.77 5.31 30.37
CA LEU B 175 -4.42 5.44 30.89
C LEU B 175 -4.46 6.07 32.26
N TYR B 176 -3.50 5.68 33.10
CA TYR B 176 -3.34 6.25 34.43
C TYR B 176 -2.08 7.09 34.57
N HIS B 177 -1.37 7.33 33.46
CA HIS B 177 -0.17 8.15 33.47
C HIS B 177 0.07 8.60 32.04
N GLY B 178 0.42 9.88 31.87
CA GLY B 178 0.82 10.34 30.55
C GLY B 178 1.95 9.52 29.95
N TRP B 179 2.85 9.00 30.79
CA TRP B 179 3.93 8.16 30.27
C TRP B 179 3.39 6.98 29.47
N GLU B 180 2.24 6.43 29.87
CA GLU B 180 1.67 5.28 29.15
C GLU B 180 1.33 5.61 27.70
N SER B 181 1.11 6.88 27.37
CA SER B 181 0.76 7.23 25.99
C SER B 181 1.97 7.26 25.05
N GLY B 182 3.18 7.27 25.61
CA GLY B 182 4.35 7.45 24.82
C GLY B 182 4.69 8.89 24.55
N MET B 183 3.79 9.81 24.87
CA MET B 183 3.95 11.23 24.57
C MET B 183 3.90 11.97 25.89
N ASP B 184 5.01 11.92 26.63
CA ASP B 184 5.02 12.33 28.04
C ASP B 184 4.38 13.70 28.24
N ASN B 185 4.87 14.71 27.52
CA ASN B 185 4.47 16.09 27.78
C ASN B 185 3.64 16.66 26.64
N SER B 186 2.89 15.81 25.96
CA SER B 186 2.06 16.27 24.87
C SER B 186 1.03 17.28 25.39
N PRO B 187 0.72 18.31 24.60
CA PRO B 187 -0.39 19.20 24.98
C PRO B 187 -1.70 18.45 25.25
N ARG B 188 -1.83 17.21 24.77
CA ARG B 188 -3.04 16.41 24.99
C ARG B 188 -3.40 16.31 26.46
N TRP B 189 -2.39 16.18 27.33
CA TRP B 189 -2.60 15.84 28.73
C TRP B 189 -2.53 17.04 29.66
N ASP B 190 -2.42 18.25 29.11
CA ASP B 190 -2.15 19.40 29.97
C ASP B 190 -3.29 19.64 30.94
N SER B 191 -4.52 19.63 30.44
CA SER B 191 -5.64 19.97 31.32
C SER B 191 -5.90 18.86 32.32
N ALA B 192 -5.63 17.60 31.95
CA ALA B 192 -5.72 16.50 32.90
C ALA B 192 -4.65 16.60 33.98
N TYR B 193 -3.42 17.00 33.59
CA TYR B 193 -2.37 17.20 34.60
C TYR B 193 -2.64 18.42 35.46
N ALA B 194 -3.31 19.44 34.94
CA ALA B 194 -3.65 20.60 35.76
C ALA B 194 -4.48 20.20 36.97
N ASN B 195 -5.19 19.08 36.89
CA ASN B 195 -6.01 18.61 38.00
C ASN B 195 -5.27 17.63 38.90
N VAL B 196 -3.99 17.43 38.67
CA VAL B 196 -3.17 16.58 39.52
C VAL B 196 -2.49 17.48 40.54
N VAL B 197 -2.98 17.42 41.77
CA VAL B 197 -2.43 18.22 42.86
C VAL B 197 -1.62 17.28 43.75
N PRO B 198 -0.30 17.31 43.68
CA PRO B 198 0.51 16.34 44.44
C PRO B 198 0.49 16.65 45.93
N GLY B 199 0.58 15.57 46.72
CA GLY B 199 0.67 15.65 48.17
C GLY B 199 2.09 15.85 48.65
N LYS B 200 2.51 15.13 49.68
CA LYS B 200 3.90 15.21 50.14
C LYS B 200 4.68 14.12 49.42
N LEU B 201 5.32 14.51 48.37
CA LEU B 201 6.04 13.68 47.42
C LEU B 201 7.44 13.38 47.94
N PRO B 202 7.84 12.12 48.08
CA PRO B 202 9.20 11.81 48.54
C PRO B 202 10.22 12.47 47.62
N GLU B 203 11.19 13.13 48.23
CA GLU B 203 12.12 13.96 47.49
C GLU B 203 12.86 13.15 46.43
N TYR B 204 13.30 13.83 45.37
CA TYR B 204 13.93 13.14 44.24
C TYR B 204 14.84 14.10 43.50
N GLN B 205 15.68 13.52 42.64
CA GLN B 205 16.59 14.29 41.80
C GLN B 205 16.56 13.69 40.41
N ARG B 206 16.21 14.50 39.42
CA ARG B 206 16.13 14.02 38.05
C ARG B 206 17.49 13.52 37.56
N ALA B 207 17.45 12.61 36.58
CA ALA B 207 18.64 12.25 35.82
C ALA B 207 18.54 12.62 34.34
N ASP B 208 17.33 12.75 33.79
CA ASP B 208 17.18 12.93 32.35
C ASP B 208 17.75 14.26 31.87
N ASN B 209 17.57 15.34 32.64
CA ASN B 209 18.08 16.65 32.23
C ASN B 209 19.49 16.93 32.73
N VAL B 210 20.15 15.96 33.38
CA VAL B 210 21.61 16.03 33.49
C VAL B 210 22.25 15.64 32.16
N ILE B 211 21.66 14.65 31.49
CA ILE B 211 22.16 14.20 30.20
C ILE B 211 21.75 15.16 29.08
N ILE B 212 20.45 15.40 28.91
CA ILE B 212 19.96 16.43 27.99
C ILE B 212 19.81 17.72 28.80
N THR B 213 20.79 18.63 28.68
CA THR B 213 20.86 19.79 29.56
C THR B 213 20.05 20.99 29.09
N ASP B 214 19.76 21.07 27.80
CA ASP B 214 18.89 22.14 27.30
C ASP B 214 17.52 22.00 27.98
N PRO B 215 17.12 22.98 28.81
CA PRO B 215 15.79 22.90 29.43
C PRO B 215 14.66 22.92 28.42
N SER B 216 14.89 23.54 27.26
CA SER B 216 13.87 23.63 26.22
C SER B 216 13.49 22.28 25.63
N GLN B 217 14.32 21.25 25.82
CA GLN B 217 14.13 19.97 25.15
C GLN B 217 13.48 18.88 26.02
N ARG B 218 13.25 19.14 27.29
CA ARG B 218 12.71 18.17 28.24
C ARG B 218 11.58 18.82 29.02
N PRO B 219 10.74 18.01 29.68
CA PRO B 219 9.70 18.55 30.58
C PRO B 219 10.27 19.38 31.74
N SER B 220 9.37 20.14 32.37
CA SER B 220 9.72 21.04 33.46
C SER B 220 9.67 20.33 34.82
N ASP B 221 10.36 20.93 35.79
CA ASP B 221 10.34 20.40 37.16
C ASP B 221 8.92 20.33 37.71
N GLY B 222 8.07 21.31 37.39
CA GLY B 222 6.67 21.19 37.74
C GLY B 222 5.99 19.99 37.11
N GLU B 223 6.41 19.61 35.89
CA GLU B 223 5.81 18.46 35.23
C GLU B 223 6.26 17.14 35.86
N TYR B 224 7.55 17.02 36.17
CA TYR B 224 8.03 15.82 36.88
C TYR B 224 7.38 15.65 38.25
N ASP B 225 7.03 16.74 38.93
CA ASP B 225 6.38 16.61 40.23
C ASP B 225 5.01 15.92 40.11
N ARG B 226 4.27 16.23 39.04
CA ARG B 226 3.02 15.53 38.79
C ARG B 226 3.28 14.09 38.36
N TYR B 227 4.24 13.88 37.46
CA TYR B 227 4.58 12.52 37.02
C TYR B 227 4.91 11.64 38.20
N LEU B 228 5.72 12.14 39.14
CA LEU B 228 6.17 11.31 40.24
C LEU B 228 5.10 11.13 41.30
N TRP B 229 4.18 12.10 41.43
CA TRP B 229 3.08 11.92 42.37
C TRP B 229 2.09 10.84 41.91
N LEU B 230 1.87 10.70 40.61
CA LEU B 230 0.99 9.60 40.18
C LEU B 230 1.54 8.25 40.60
N LEU B 231 2.88 8.10 40.57
CA LEU B 231 3.51 6.88 41.04
C LEU B 231 3.16 6.58 42.49
N GLU B 232 3.23 7.59 43.35
CA GLU B 232 2.86 7.36 44.75
C GLU B 232 1.46 6.78 44.85
N GLU B 233 0.51 7.36 44.10
CA GLU B 233 -0.88 6.89 44.16
C GLU B 233 -0.97 5.42 43.76
N MET B 234 -0.26 5.03 42.70
CA MET B 234 -0.21 3.62 42.31
C MET B 234 0.43 2.76 43.38
N LYS B 235 1.59 3.19 43.89
CA LYS B 235 2.26 2.41 44.93
C LYS B 235 1.32 2.16 46.10
N ALA B 236 0.50 3.16 46.44
CA ALA B 236 -0.38 3.08 47.61
C ALA B 236 -1.37 1.94 47.52
N VAL B 237 -1.81 1.58 46.31
CA VAL B 237 -2.74 0.45 46.14
C VAL B 237 -2.03 -0.79 45.57
N ARG B 238 -0.71 -0.89 45.74
CA ARG B 238 0.06 -2.06 45.34
C ARG B 238 -0.16 -2.43 43.87
N TYR B 239 -0.43 -1.41 43.04
CA TYR B 239 -0.58 -1.53 41.58
C TYR B 239 -1.77 -2.39 41.17
N ASP B 240 -2.76 -2.52 42.05
CA ASP B 240 -3.92 -3.39 41.84
C ASP B 240 -4.85 -2.78 40.79
N ASP B 241 -5.09 -3.54 39.70
CA ASP B 241 -5.99 -3.08 38.65
C ASP B 241 -7.34 -2.66 39.19
N GLU B 242 -7.96 -3.50 40.03
CA GLU B 242 -9.31 -3.22 40.51
C GLU B 242 -9.36 -1.93 41.32
N ARG B 243 -8.26 -1.55 41.96
CA ARG B 243 -8.27 -0.39 42.84
C ARG B 243 -7.88 0.91 42.13
N LEU B 244 -7.15 0.83 41.02
CA LEU B 244 -6.71 2.05 40.34
C LEU B 244 -7.85 2.99 39.96
N PRO B 245 -8.99 2.53 39.41
CA PRO B 245 -10.04 3.50 39.07
C PRO B 245 -10.47 4.35 40.22
N SER B 246 -10.37 3.84 41.44
CA SER B 246 -10.89 4.55 42.60
C SER B 246 -9.92 5.58 43.15
N VAL B 247 -8.62 5.49 42.86
CA VAL B 247 -7.63 6.34 43.51
C VAL B 247 -6.83 7.22 42.56
N MET B 248 -6.76 6.91 41.26
CA MET B 248 -5.85 7.66 40.39
C MET B 248 -6.37 9.07 40.11
N SER B 249 -5.50 10.07 40.27
CA SER B 249 -5.80 11.46 39.97
C SER B 249 -5.78 11.75 38.48
N PHE B 250 -5.43 10.78 37.65
CA PHE B 250 -5.25 10.99 36.21
C PHE B 250 -5.86 9.77 35.55
N GLN B 251 -6.91 9.99 34.77
CA GLN B 251 -7.61 8.88 34.11
C GLN B 251 -8.09 9.43 32.78
N VAL B 252 -7.48 8.98 31.69
CA VAL B 252 -7.79 9.50 30.36
C VAL B 252 -7.92 8.33 29.41
N GLU B 253 -8.82 8.48 28.45
CA GLU B 253 -8.90 7.56 27.33
C GLU B 253 -8.04 8.12 26.21
N ASP B 254 -7.08 7.32 25.75
CA ASP B 254 -6.06 7.77 24.79
C ASP B 254 -6.43 7.26 23.41
N VAL B 255 -6.81 8.18 22.52
CA VAL B 255 -7.38 7.74 21.26
C VAL B 255 -6.29 7.20 20.33
N PHE B 256 -5.09 7.75 20.39
CA PHE B 256 -3.99 7.26 19.56
C PHE B 256 -3.59 5.83 19.94
N PHE B 257 -3.39 5.59 21.23
CA PHE B 257 -3.16 4.26 21.78
C PHE B 257 -4.28 3.30 21.36
N SER B 258 -5.55 3.74 21.49
CA SER B 258 -6.69 2.93 21.06
C SER B 258 -6.60 2.55 19.58
N ALA B 259 -6.24 3.51 18.71
CA ALA B 259 -6.15 3.21 17.29
C ALA B 259 -5.03 2.22 17.00
N ILE B 260 -3.89 2.39 17.68
CA ILE B 260 -2.79 1.44 17.57
C ILE B 260 -3.22 0.05 18.01
N PHE B 261 -4.02 -0.04 19.08
CA PHE B 261 -4.48 -1.33 19.55
C PHE B 261 -5.39 -2.00 18.53
N SER B 262 -6.25 -1.20 17.88
CA SER B 262 -7.13 -1.74 16.83
C SER B 262 -6.33 -2.33 15.68
N VAL B 263 -5.38 -1.57 15.16
CA VAL B 263 -4.46 -2.07 14.12
C VAL B 263 -3.79 -3.36 14.60
N ALA B 264 -3.22 -3.30 15.81
CA ALA B 264 -2.48 -4.44 16.36
C ALA B 264 -3.32 -5.70 16.44
N CYS B 265 -4.59 -5.57 16.87
CA CYS B 265 -5.49 -6.72 16.92
C CYS B 265 -5.75 -7.29 15.54
N GLN B 266 -5.99 -6.41 14.57
CA GLN B 266 -6.18 -6.80 13.18
C GLN B 266 -4.95 -7.53 12.63
N VAL B 267 -3.76 -6.98 12.88
CA VAL B 267 -2.52 -7.61 12.43
C VAL B 267 -2.36 -8.99 13.07
N LEU B 268 -2.56 -9.05 14.39
CA LEU B 268 -2.36 -10.32 15.07
C LEU B 268 -3.43 -11.34 14.68
N ALA B 269 -4.64 -10.89 14.34
CA ALA B 269 -5.67 -11.83 13.89
C ALA B 269 -5.28 -12.48 12.57
N GLU B 270 -4.78 -11.68 11.63
CA GLU B 270 -4.31 -12.19 10.34
C GLU B 270 -3.14 -13.16 10.53
N ILE B 271 -2.17 -12.81 11.38
CA ILE B 271 -1.13 -13.77 11.74
C ILE B 271 -1.76 -15.04 12.30
N GLY B 272 -2.75 -14.87 13.19
CA GLY B 272 -3.41 -16.02 13.76
C GLY B 272 -4.00 -16.94 12.70
N GLU B 273 -4.65 -16.38 11.68
CA GLU B 273 -5.21 -17.22 10.64
C GLU B 273 -4.10 -17.91 9.84
N ASP B 274 -3.10 -17.13 9.41
CA ASP B 274 -2.05 -17.71 8.57
C ASP B 274 -1.32 -18.86 9.27
N TYR B 275 -1.11 -18.78 10.58
CA TYR B 275 -0.36 -19.80 11.31
C TYR B 275 -1.25 -20.70 12.19
N LYS B 276 -2.54 -20.78 11.87
CA LYS B 276 -3.41 -21.83 12.40
C LYS B 276 -3.44 -21.81 13.93
N ARG B 277 -3.52 -20.62 14.49
CA ARG B 277 -3.75 -20.41 15.92
C ARG B 277 -5.21 -20.70 16.24
N PRO B 278 -5.55 -20.80 17.52
CA PRO B 278 -6.93 -21.20 17.87
C PRO B 278 -7.97 -20.22 17.33
N HIS B 279 -9.12 -20.76 16.89
CA HIS B 279 -10.17 -19.92 16.31
C HIS B 279 -10.69 -18.90 17.32
N ALA B 280 -10.84 -19.31 18.58
CA ALA B 280 -11.34 -18.40 19.61
C ALA B 280 -10.46 -17.17 19.76
N ASP B 281 -9.15 -17.36 19.66
CA ASP B 281 -8.25 -16.21 19.73
C ASP B 281 -8.43 -15.29 18.53
N VAL B 282 -8.45 -15.87 17.33
CA VAL B 282 -8.62 -15.07 16.12
C VAL B 282 -9.94 -14.32 16.17
N LYS B 283 -11.02 -15.00 16.58
CA LYS B 283 -12.30 -14.32 16.69
C LYS B 283 -12.26 -13.18 17.70
N ASP B 284 -11.61 -13.40 18.86
CA ASP B 284 -11.48 -12.32 19.85
C ASP B 284 -10.70 -11.13 19.31
N LEU B 285 -9.60 -11.40 18.59
CA LEU B 285 -8.80 -10.33 18.04
C LEU B 285 -9.59 -9.47 17.05
N TYR B 286 -10.31 -10.13 16.12
CA TYR B 286 -11.17 -9.37 15.20
C TYR B 286 -12.25 -8.59 15.97
N LEU B 287 -12.78 -9.17 17.05
CA LEU B 287 -13.75 -8.45 17.88
C LEU B 287 -13.14 -7.17 18.43
N TRP B 288 -11.93 -7.27 18.98
CA TRP B 288 -11.29 -6.12 19.60
C TRP B 288 -10.92 -5.07 18.57
N ALA B 289 -10.41 -5.52 17.40
CA ALA B 289 -10.09 -4.57 16.33
C ALA B 289 -11.31 -3.75 15.92
N GLU B 290 -12.47 -4.38 15.78
CA GLU B 290 -13.67 -3.63 15.41
C GLU B 290 -14.13 -2.76 16.57
N ARG B 291 -14.12 -3.29 17.81
N ARG B 291 -14.13 -3.29 17.81
CA ARG B 291 -14.52 -2.50 18.97
CA ARG B 291 -14.51 -2.50 18.97
C ARG B 291 -13.67 -1.24 19.11
C ARG B 291 -13.67 -1.23 19.08
N PHE B 292 -12.35 -1.35 18.93
CA PHE B 292 -11.50 -0.19 19.12
C PHE B 292 -11.48 0.72 17.89
N ARG B 293 -11.66 0.16 16.69
CA ARG B 293 -11.94 0.99 15.53
C ARG B 293 -13.14 1.92 15.81
N ALA B 294 -14.22 1.35 16.38
CA ALA B 294 -15.45 2.12 16.58
C ALA B 294 -15.27 3.13 17.70
N GLY B 295 -14.57 2.74 18.77
CA GLY B 295 -14.33 3.67 19.86
C GLY B 295 -13.51 4.86 19.42
N VAL B 296 -12.54 4.63 18.52
CA VAL B 296 -11.76 5.73 17.97
C VAL B 296 -12.65 6.66 17.14
N VAL B 297 -13.48 6.08 16.26
CA VAL B 297 -14.37 6.87 15.39
C VAL B 297 -15.39 7.68 16.20
N GLU B 298 -15.83 7.15 17.33
CA GLU B 298 -16.80 7.85 18.15
C GLU B 298 -16.24 9.16 18.73
N THR B 299 -14.91 9.30 18.81
CA THR B 299 -14.31 10.53 19.34
C THR B 299 -14.21 11.65 18.32
N THR B 300 -14.59 11.42 17.05
CA THR B 300 -14.13 12.31 16.00
C THR B 300 -15.09 13.46 15.72
N ASP B 301 -14.48 14.61 15.44
CA ASP B 301 -15.23 15.76 14.97
C ASP B 301 -15.94 15.36 13.69
N GLN B 302 -17.27 15.52 13.69
CA GLN B 302 -18.08 15.13 12.53
C GLN B 302 -17.76 15.94 11.30
N ARG B 303 -17.11 17.09 11.45
CA ARG B 303 -16.70 17.89 10.31
C ARG B 303 -15.28 17.50 9.85
N THR B 304 -14.30 17.65 10.72
CA THR B 304 -12.91 17.47 10.35
C THR B 304 -12.43 16.03 10.47
N GLY B 305 -13.13 15.19 11.22
CA GLY B 305 -12.65 13.85 11.51
C GLY B 305 -11.59 13.78 12.58
N ALA B 306 -11.16 14.91 13.14
CA ALA B 306 -10.09 14.90 14.12
C ALA B 306 -10.52 14.07 15.34
N ALA B 307 -9.64 13.16 15.76
CA ALA B 307 -9.94 12.33 16.92
C ALA B 307 -9.59 13.07 18.22
N ARG B 308 -10.40 12.87 19.26
CA ARG B 308 -10.23 13.54 20.54
C ARG B 308 -9.91 12.53 21.64
N ASP B 309 -9.02 12.91 22.57
CA ASP B 309 -8.87 12.18 23.82
C ASP B 309 -10.02 12.53 24.78
N PHE B 310 -10.15 11.76 25.87
CA PHE B 310 -11.25 11.98 26.82
C PHE B 310 -10.70 11.95 28.24
N ASP B 311 -11.04 12.97 29.02
CA ASP B 311 -10.66 13.05 30.43
C ASP B 311 -11.76 12.35 31.23
N VAL B 312 -11.47 11.15 31.73
CA VAL B 312 -12.49 10.34 32.40
C VAL B 312 -12.91 11.01 33.69
N LEU B 313 -11.99 11.67 34.38
CA LEU B 313 -12.34 12.31 35.65
C LEU B 313 -13.14 13.58 35.42
N ALA B 314 -12.67 14.47 34.54
CA ALA B 314 -13.40 15.69 34.26
C ALA B 314 -14.64 15.42 33.42
N GLU B 315 -14.72 14.24 32.79
CA GLU B 315 -15.85 13.83 31.95
C GLU B 315 -16.04 14.74 30.74
N LYS B 316 -14.96 14.95 30.00
CA LYS B 316 -15.03 15.88 28.88
C LYS B 316 -14.01 15.53 27.81
N TRP B 317 -14.33 15.91 26.58
CA TRP B 317 -13.43 15.71 25.46
C TRP B 317 -12.24 16.65 25.55
N LEU B 318 -11.06 16.13 25.24
CA LEU B 318 -9.83 16.92 25.23
C LEU B 318 -9.54 17.33 23.79
N VAL B 319 -9.76 18.61 23.49
CA VAL B 319 -9.55 19.16 22.15
C VAL B 319 -8.17 19.82 22.13
N THR B 320 -7.22 19.18 21.45
CA THR B 320 -5.87 19.69 21.27
C THR B 320 -5.49 19.45 19.82
N GLU B 321 -4.50 20.19 19.34
CA GLU B 321 -4.09 20.11 17.93
C GLU B 321 -2.75 19.40 17.79
N THR B 322 -2.74 18.11 18.07
CA THR B 322 -1.53 17.29 17.94
C THR B 322 -1.72 16.23 16.87
N ALA B 323 -0.63 15.53 16.58
CA ALA B 323 -0.69 14.43 15.62
C ALA B 323 -1.61 13.29 16.09
N ALA B 324 -1.98 13.24 17.37
CA ALA B 324 -2.92 12.22 17.83
C ALA B 324 -4.31 12.39 17.21
N GLN B 325 -4.63 13.60 16.73
CA GLN B 325 -5.90 13.84 16.03
C GLN B 325 -6.08 12.89 14.85
N PHE B 326 -4.98 12.42 14.26
CA PHE B 326 -5.01 11.60 13.06
C PHE B 326 -5.07 10.10 13.35
N ALA B 327 -5.22 9.70 14.60
CA ALA B 327 -5.46 8.31 14.98
C ALA B 327 -6.42 7.57 14.05
N PRO B 328 -7.56 8.14 13.63
CA PRO B 328 -8.48 7.34 12.76
C PRO B 328 -7.88 6.93 11.44
N LEU B 329 -6.85 7.62 10.97
CA LEU B 329 -6.25 7.23 9.71
C LEU B 329 -5.47 5.94 9.86
N LEU B 330 -4.98 5.67 11.07
CA LEU B 330 -4.26 4.43 11.32
C LEU B 330 -5.19 3.24 11.18
N CYS B 331 -6.31 3.25 11.90
CA CYS B 331 -7.10 2.05 12.09
C CYS B 331 -8.27 1.91 11.12
N GLY B 332 -8.63 2.98 10.39
CA GLY B 332 -9.79 2.93 9.52
C GLY B 332 -11.09 3.23 10.26
N GLY B 333 -12.19 3.15 9.49
CA GLY B 333 -13.53 3.19 10.05
C GLY B 333 -14.29 4.49 9.87
N LEU B 334 -13.65 5.58 9.44
CA LEU B 334 -14.40 6.81 9.26
C LEU B 334 -15.32 6.72 8.04
N PRO B 335 -16.47 7.38 8.08
CA PRO B 335 -17.20 7.63 6.82
C PRO B 335 -16.31 8.28 5.78
N HIS B 336 -16.67 8.08 4.51
CA HIS B 336 -15.85 8.54 3.39
C HIS B 336 -15.59 10.05 3.45
N ASP B 337 -16.64 10.86 3.63
CA ASP B 337 -16.48 12.31 3.63
C ASP B 337 -15.59 12.77 4.78
N ARG B 338 -15.76 12.14 5.95
CA ARG B 338 -15.01 12.58 7.13
C ARG B 338 -13.54 12.24 7.01
N GLU B 339 -13.20 11.11 6.37
CA GLU B 339 -11.79 10.77 6.19
C GLU B 339 -11.10 11.71 5.20
N ARG B 340 -11.77 12.08 4.11
CA ARG B 340 -11.20 13.06 3.18
C ARG B 340 -10.90 14.38 3.89
N ALA B 341 -11.82 14.81 4.78
CA ALA B 341 -11.59 16.05 5.52
C ALA B 341 -10.38 15.91 6.46
N LEU B 342 -10.24 14.76 7.11
CA LEU B 342 -9.11 14.55 8.01
C LEU B 342 -7.78 14.51 7.25
N LEU B 343 -7.76 13.85 6.09
CA LEU B 343 -6.57 13.90 5.25
C LEU B 343 -6.27 15.30 4.77
N LYS B 344 -7.29 16.08 4.47
CA LYS B 344 -7.07 17.47 4.10
C LYS B 344 -6.45 18.27 5.26
N LEU B 345 -6.89 18.00 6.49
CA LEU B 345 -6.24 18.60 7.66
C LEU B 345 -4.78 18.17 7.76
N LEU B 346 -4.51 16.89 7.56
CA LEU B 346 -3.14 16.38 7.68
C LEU B 346 -2.20 17.06 6.69
N GLU B 347 -2.67 17.28 5.45
CA GLU B 347 -1.85 17.81 4.35
C GLU B 347 -1.84 19.33 4.27
N GLY B 348 -2.70 20.02 5.01
CA GLY B 348 -2.85 21.43 4.85
C GLY B 348 -1.87 22.22 5.69
N PRO B 349 -2.11 23.54 5.78
CA PRO B 349 -1.13 24.43 6.43
C PRO B 349 -0.95 24.19 7.92
N ARG B 350 -1.82 23.41 8.56
CA ARG B 350 -1.72 23.19 9.99
C ARG B 350 -0.81 22.04 10.37
N PHE B 351 -0.46 21.18 9.42
CA PHE B 351 0.47 20.10 9.72
C PHE B 351 1.48 19.99 8.58
N CYS B 352 1.44 18.89 7.80
CA CYS B 352 2.50 18.67 6.82
C CYS B 352 2.61 19.78 5.80
N GLY B 353 1.59 20.62 5.65
CA GLY B 353 1.59 21.66 4.65
C GLY B 353 2.06 23.00 5.15
N HIS B 354 2.55 23.08 6.39
CA HIS B 354 2.92 24.37 6.95
C HIS B 354 4.12 24.93 6.20
N PRO B 355 4.07 26.19 5.76
CA PRO B 355 5.10 26.69 4.81
C PRO B 355 6.53 26.74 5.35
N ASP B 356 6.75 26.73 6.68
CA ASP B 356 8.08 26.87 7.26
C ASP B 356 8.72 25.53 7.60
N LEU B 357 8.04 24.41 7.37
CA LEU B 357 8.62 23.14 7.70
C LEU B 357 9.77 22.80 6.75
N LYS B 358 10.84 22.25 7.30
CA LYS B 358 11.93 21.85 6.44
C LYS B 358 11.55 20.63 5.61
N TYR B 359 10.82 19.68 6.21
CA TYR B 359 10.42 18.44 5.56
C TYR B 359 8.91 18.30 5.57
N GLY B 360 8.39 17.63 4.56
CA GLY B 360 6.98 17.24 4.53
C GLY B 360 6.68 16.08 5.46
N LEU B 361 6.77 16.34 6.77
CA LEU B 361 6.63 15.36 7.84
C LEU B 361 5.62 15.89 8.85
N ILE B 362 5.16 15.03 9.75
CA ILE B 362 4.06 15.34 10.65
C ILE B 362 4.64 15.89 11.95
N PRO B 363 4.46 17.18 12.25
CA PRO B 363 4.93 17.69 13.54
C PRO B 363 4.06 17.15 14.66
N SER B 364 4.69 16.92 15.82
CA SER B 364 3.95 16.29 16.90
C SER B 364 2.85 17.20 17.44
N THR B 365 3.03 18.53 17.39
CA THR B 365 1.96 19.48 17.66
C THR B 365 1.87 20.45 16.48
N SER B 366 0.67 20.94 16.17
CA SER B 366 0.53 21.82 15.02
C SER B 366 1.31 23.12 15.25
N PRO B 367 2.10 23.58 14.27
CA PRO B 367 2.82 24.86 14.44
C PRO B 367 1.93 26.05 14.60
N VAL B 368 0.68 26.00 14.14
CA VAL B 368 -0.23 27.12 14.34
C VAL B 368 -0.95 27.06 15.68
N SER B 369 -0.76 26.00 16.46
CA SER B 369 -1.36 25.90 17.78
C SER B 369 -0.65 26.79 18.79
N ARG B 370 -1.44 27.34 19.72
CA ARG B 370 -0.85 28.11 20.82
C ARG B 370 0.03 27.26 21.71
N ASP B 371 -0.20 25.94 21.73
CA ASP B 371 0.57 25.00 22.55
C ASP B 371 1.93 24.69 21.94
N PHE B 372 2.17 25.14 20.71
CA PHE B 372 3.34 24.69 19.95
C PHE B 372 4.65 25.24 20.53
N ARG B 373 5.64 24.36 20.67
CA ARG B 373 6.99 24.72 21.07
C ARG B 373 7.96 23.96 20.18
N PRO B 374 8.76 24.65 19.37
CA PRO B 374 9.53 23.98 18.32
C PRO B 374 10.57 22.99 18.82
N ARG B 375 11.02 23.12 20.08
CA ARG B 375 12.10 22.29 20.60
C ARG B 375 11.66 21.35 21.71
N GLU B 376 10.43 21.50 22.23
CA GLU B 376 10.06 20.92 23.52
C GLU B 376 9.36 19.57 23.33
N TYR B 377 10.14 18.59 22.85
CA TYR B 377 9.79 17.18 23.06
C TYR B 377 8.56 16.77 22.22
N TRP B 378 7.38 16.59 22.83
CA TRP B 378 6.18 16.23 22.07
C TRP B 378 5.27 17.42 21.79
N ARG B 379 5.71 18.64 22.11
CA ARG B 379 4.93 19.84 21.89
C ARG B 379 5.20 20.50 20.55
N GLY B 380 5.78 19.76 19.58
CA GLY B 380 6.05 20.33 18.28
C GLY B 380 7.08 19.62 17.41
N PRO B 381 8.22 19.14 17.98
CA PRO B 381 9.21 18.46 17.13
C PRO B 381 8.65 17.31 16.30
N VAL B 382 9.37 17.00 15.23
CA VAL B 382 9.09 15.88 14.35
C VAL B 382 9.83 14.64 14.85
N TRP B 383 9.08 13.55 15.04
CA TRP B 383 9.63 12.31 15.55
C TRP B 383 9.66 11.27 14.43
N PRO B 384 10.84 10.77 14.02
CA PRO B 384 10.91 9.66 13.04
C PRO B 384 10.05 8.45 13.41
N VAL B 385 9.90 8.13 14.69
CA VAL B 385 9.11 6.95 15.02
C VAL B 385 7.66 7.16 14.60
N LEU B 386 7.13 8.39 14.69
CA LEU B 386 5.78 8.67 14.21
C LEU B 386 5.72 8.63 12.70
N THR B 387 6.72 9.23 12.04
CA THR B 387 6.81 9.15 10.58
C THR B 387 6.72 7.70 10.14
N TRP B 388 7.46 6.82 10.84
CA TRP B 388 7.48 5.41 10.48
C TRP B 388 6.11 4.79 10.66
N LEU B 389 5.48 5.05 11.80
CA LEU B 389 4.20 4.42 12.10
C LEU B 389 3.11 4.92 11.16
N PHE B 390 3.12 6.23 10.85
CA PHE B 390 2.12 6.73 9.91
C PHE B 390 2.35 6.15 8.53
N SER B 391 3.60 6.13 8.08
N SER B 391 3.61 6.10 8.09
CA SER B 391 3.91 5.57 6.78
CA SER B 391 3.92 5.57 6.76
C SER B 391 3.45 4.12 6.69
C SER B 391 3.54 4.10 6.65
N TRP B 392 3.81 3.32 7.69
CA TRP B 392 3.49 1.91 7.64
C TRP B 392 1.98 1.71 7.65
N CYS B 393 1.27 2.48 8.49
CA CYS B 393 -0.19 2.34 8.55
C CYS B 393 -0.82 2.82 7.25
N PHE B 394 -0.30 3.93 6.69
CA PHE B 394 -0.85 4.44 5.42
C PHE B 394 -0.70 3.41 4.32
N ALA B 395 0.47 2.77 4.24
CA ALA B 395 0.63 1.75 3.23
C ALA B 395 -0.40 0.64 3.43
N ARG B 396 -0.67 0.30 4.70
CA ARG B 396 -1.67 -0.74 4.99
C ARG B 396 -3.07 -0.30 4.56
N ARG B 397 -3.35 1.01 4.56
CA ARG B 397 -4.64 1.50 4.09
C ARG B 397 -4.75 1.48 2.56
N GLY B 398 -3.65 1.21 1.85
CA GLY B 398 -3.65 1.32 0.41
C GLY B 398 -3.18 2.66 -0.14
N TRP B 399 -2.71 3.57 0.73
CA TRP B 399 -2.31 4.92 0.32
C TRP B 399 -0.83 4.91 -0.01
N ALA B 400 -0.51 4.21 -1.09
CA ALA B 400 0.87 3.93 -1.44
C ALA B 400 1.67 5.22 -1.59
N GLU B 401 1.15 6.18 -2.37
CA GLU B 401 1.94 7.38 -2.61
C GLU B 401 2.10 8.21 -1.34
N ARG B 402 1.05 8.34 -0.51
CA ARG B 402 1.20 9.04 0.79
C ARG B 402 2.29 8.39 1.63
N ALA B 403 2.25 7.06 1.74
CA ALA B 403 3.24 6.36 2.54
C ALA B 403 4.64 6.62 1.99
N ARG B 404 4.78 6.63 0.67
CA ARG B 404 6.09 6.73 0.08
C ARG B 404 6.70 8.12 0.28
N LEU B 405 5.85 9.16 0.32
CA LEU B 405 6.31 10.53 0.56
C LEU B 405 6.82 10.69 1.99
N LEU B 406 6.13 10.08 2.96
CA LEU B 406 6.58 10.11 4.34
C LEU B 406 7.89 9.37 4.50
N ARG B 407 8.02 8.20 3.87
N ARG B 407 8.02 8.20 3.86
CA ARG B 407 9.28 7.46 3.93
CA ARG B 407 9.27 7.45 3.91
C ARG B 407 10.41 8.27 3.31
C ARG B 407 10.41 8.26 3.31
N GLN B 408 10.18 8.86 2.14
CA GLN B 408 11.21 9.64 1.46
C GLN B 408 11.65 10.83 2.29
N GLU B 409 10.69 11.60 2.83
CA GLU B 409 11.10 12.73 3.65
C GLU B 409 11.78 12.27 4.93
N GLY B 410 11.34 11.14 5.50
CA GLY B 410 11.95 10.66 6.72
C GLY B 410 13.40 10.23 6.51
N LEU B 411 13.70 9.64 5.35
CA LEU B 411 15.07 9.26 5.02
C LEU B 411 15.91 10.50 4.78
N ARG B 412 15.35 11.49 4.09
CA ARG B 412 16.04 12.75 3.87
C ARG B 412 16.38 13.42 5.19
N GLN B 413 15.46 13.39 6.15
CA GLN B 413 15.71 13.95 7.47
C GLN B 413 16.77 13.15 8.22
N ALA B 414 16.67 11.82 8.17
CA ALA B 414 17.59 10.97 8.91
C ALA B 414 18.98 10.95 8.33
N SER B 415 19.19 11.56 7.18
CA SER B 415 20.39 11.21 6.43
C SER B 415 21.62 11.94 6.94
N ASP B 416 21.47 12.75 7.99
CA ASP B 416 22.60 13.33 8.69
C ASP B 416 23.32 12.30 9.55
N GLY B 417 22.64 11.20 9.91
CA GLY B 417 23.24 10.15 10.72
C GLY B 417 23.29 10.39 12.22
N SER B 418 22.60 11.41 12.74
CA SER B 418 22.52 11.62 14.19
C SER B 418 21.65 10.56 14.86
N PHE B 419 20.64 10.06 14.15
CA PHE B 419 19.65 9.13 14.71
C PHE B 419 19.01 9.72 15.99
N ALA B 420 18.65 11.00 15.89
CA ALA B 420 17.96 11.66 17.00
C ALA B 420 16.55 11.10 17.15
N ALA B 421 16.00 11.27 18.35
CA ALA B 421 14.63 10.88 18.57
C ALA B 421 13.64 11.90 18.02
N TYR B 422 14.00 13.19 18.02
CA TYR B 422 13.11 14.17 17.43
C TYR B 422 13.97 15.26 16.81
N TYR B 423 13.35 16.03 15.91
CA TYR B 423 14.03 17.06 15.13
C TYR B 423 13.24 18.36 15.19
N GLU B 424 13.96 19.48 15.17
CA GLU B 424 13.31 20.79 15.09
C GLU B 424 12.57 20.90 13.76
N PRO B 425 11.29 21.28 13.76
CA PRO B 425 10.48 21.12 12.53
C PRO B 425 10.80 22.14 11.45
N PHE B 426 11.45 23.25 11.80
CA PHE B 426 11.73 24.36 10.91
C PHE B 426 13.15 24.33 10.36
N THR B 427 14.11 24.06 11.24
CA THR B 427 15.52 24.05 10.90
C THR B 427 16.07 22.65 10.67
N GLY B 428 15.37 21.62 11.15
CA GLY B 428 15.87 20.26 11.04
C GLY B 428 16.94 19.88 12.04
N GLU B 429 17.22 20.75 13.01
CA GLU B 429 18.24 20.45 14.01
C GLU B 429 17.87 19.19 14.78
N PRO B 430 18.80 18.24 14.92
CA PRO B 430 18.52 17.06 15.76
C PRO B 430 18.43 17.45 17.24
N LEU B 431 17.50 16.82 17.96
CA LEU B 431 17.20 17.20 19.33
C LEU B 431 17.09 15.96 20.20
N GLY B 432 17.07 16.19 21.52
CA GLY B 432 16.99 15.08 22.46
C GLY B 432 18.25 14.24 22.42
N SER B 433 18.07 12.93 22.60
CA SER B 433 19.19 12.01 22.57
C SER B 433 19.57 11.67 21.13
N MET B 434 20.88 11.71 20.84
CA MET B 434 21.34 11.06 19.63
C MET B 434 21.41 9.55 19.87
N GLN B 435 21.70 8.80 18.81
CA GLN B 435 21.92 7.36 18.94
C GLN B 435 20.67 6.66 19.50
N GLN B 436 19.50 7.12 19.08
CA GLN B 436 18.23 6.58 19.55
C GLN B 436 17.89 5.32 18.76
N SER B 437 17.69 4.21 19.46
CA SER B 437 17.58 2.93 18.78
C SER B 437 16.41 2.89 17.78
N TRP B 438 15.24 3.41 18.15
CA TRP B 438 14.11 3.26 17.22
C TRP B 438 14.23 4.17 16.01
N THR B 439 15.05 5.23 16.06
CA THR B 439 15.29 5.98 14.84
C THR B 439 16.21 5.21 13.88
N ALA B 440 17.23 4.53 14.39
CA ALA B 440 17.99 3.63 13.53
C ALA B 440 17.10 2.51 12.98
N ALA B 441 16.17 2.00 13.79
CA ALA B 441 15.28 0.93 13.32
C ALA B 441 14.38 1.41 12.17
N ALA B 442 13.79 2.59 12.31
CA ALA B 442 12.97 3.16 11.24
C ALA B 442 13.76 3.22 9.94
N VAL B 443 14.98 3.76 10.03
CA VAL B 443 15.85 3.87 8.86
C VAL B 443 16.14 2.49 8.27
N LEU B 444 16.45 1.52 9.13
CA LEU B 444 16.78 0.20 8.64
C LEU B 444 15.58 -0.45 7.94
N ASP B 445 14.38 -0.22 8.48
CA ASP B 445 13.20 -0.80 7.87
C ASP B 445 12.88 -0.10 6.54
N TRP B 446 12.99 1.22 6.50
CA TRP B 446 12.73 1.96 5.26
C TRP B 446 13.68 1.54 4.14
N LEU B 447 14.97 1.42 4.44
N LEU B 447 14.89 1.08 4.50
CA LEU B 447 15.92 1.36 3.33
CA LEU B 447 15.96 0.73 3.56
C LEU B 447 15.67 0.14 2.47
C LEU B 447 16.33 -0.76 3.53
N GLY B 448 15.18 -0.96 3.06
N GLY B 448 15.79 -1.59 4.42
CA GLY B 448 15.08 -2.20 2.32
CA GLY B 448 16.30 -2.95 4.58
C GLY B 448 16.44 -2.57 1.75
C GLY B 448 15.46 -4.08 3.99
C10 9WN C . -4.10 -6.81 -31.31
C6 9WN C . -0.05 -3.97 -28.51
C5 9WN C . -1.07 -5.13 -28.39
C4 9WN C . -1.51 -5.31 -26.94
C3 9WN C . -2.31 -6.55 -26.79
C2 9WN C . -1.60 -7.74 -27.31
C1 9WN C . -1.32 -7.56 -28.82
C09 9WN C . -2.63 -7.09 -30.95
C12 9WN C . -2.06 -8.06 -32.01
O5 9WN C . -0.51 -6.35 -28.97
O1 9WN C . -2.54 -7.53 -29.60
O11 9WN C . -4.61 -5.86 -30.43
O13 9WN C . -1.41 -9.11 -31.68
O14 9WN C . -2.25 -7.81 -33.23
O2 9WN C . -2.30 -8.93 -27.03
O3 9WN C . -2.74 -6.71 -25.46
O4 9WN C . -2.30 -4.18 -26.59
O6 9WN C . 1.03 -4.21 -27.62
C1 GOL D . -19.93 15.01 -19.97
O1 GOL D . -19.75 13.64 -20.22
C2 GOL D . -20.07 15.25 -18.47
O2 GOL D . -20.25 14.03 -17.77
C3 GOL D . -18.82 16.02 -18.03
O3 GOL D . -19.01 16.54 -16.73
C1 GOL E . 10.85 -7.93 3.90
O1 GOL E . 9.59 -7.34 4.13
C2 GOL E . 11.59 -6.91 3.05
O2 GOL E . 11.46 -5.61 3.63
C3 GOL E . 13.04 -7.30 2.80
O3 GOL E . 13.53 -6.46 1.79
C1 GOL F . -19.08 -21.15 -12.01
O1 GOL F . -17.89 -21.70 -11.45
C2 GOL F . -19.32 -19.73 -11.46
O2 GOL F . -18.65 -19.57 -10.24
C3 GOL F . -20.81 -19.50 -11.17
O3 GOL F . -20.91 -18.79 -9.95
C1 GOL G . 1.16 9.85 -36.45
O1 GOL G . 0.00 10.04 -37.24
C2 GOL G . 1.52 11.16 -35.75
O2 GOL G . 0.63 11.42 -34.70
C3 GOL G . 2.93 11.10 -35.20
O3 GOL G . 2.98 11.81 -33.99
C1 GOL H . -17.38 5.44 -1.11
O1 GOL H . -16.57 4.61 -1.90
C2 GOL H . -18.52 6.01 -1.94
O2 GOL H . -19.58 5.07 -2.06
C3 GOL H . -19.04 7.28 -1.28
O3 GOL H . -20.07 7.83 -2.09
C1 GOL I . -12.91 -11.39 9.29
O1 GOL I . -13.77 -11.62 10.38
C2 GOL I . -13.19 -10.00 8.77
O2 GOL I . -13.94 -9.32 9.76
C3 GOL I . -11.88 -9.23 8.54
O3 GOL I . -12.12 -7.85 8.76
C1 PEG J . 0.05 -16.58 -43.64
O1 PEG J . 0.42 -17.14 -42.36
C2 PEG J . -1.21 -15.71 -43.50
O2 PEG J . -2.24 -16.14 -44.38
C3 PEG J . -3.47 -16.36 -43.68
C4 PEG J . -4.49 -16.99 -44.62
O4 PEG J . -5.57 -17.53 -43.87
C10 9WN K . 9.44 7.86 29.84
C6 9WN K . 12.42 5.76 25.32
C5 9WN K . 11.15 6.49 25.82
C4 9WN K . 10.01 6.41 24.80
C3 9WN K . 8.97 7.45 25.03
C2 9WN K . 9.57 8.80 25.17
C1 9WN K . 10.51 8.85 26.39
C09 9WN K . 10.50 8.39 28.86
C12 9WN K . 11.23 9.58 29.55
O5 9WN K . 11.58 7.85 26.19
O1 9WN K . 9.85 8.73 27.64
O11 9WN K . 9.13 6.51 29.63
O13 9WN K . 11.65 9.44 30.73
O14 9WN K . 11.41 10.69 28.96
O2 9WN K . 8.61 9.84 25.20
O3 9WN K . 8.02 7.45 24.01
O4 9WN K . 9.43 5.13 24.89
O6 9WN K . 12.77 6.29 24.05
C1 GOL L . -3.97 -18.66 24.19
O1 GOL L . -4.40 -19.49 23.13
C2 GOL L . -5.14 -18.24 25.08
O2 GOL L . -5.89 -17.20 24.48
C3 GOL L . -4.68 -17.84 26.49
O3 GOL L . -3.82 -16.71 26.43
C1 GOL M . 5.81 9.75 -7.91
O1 GOL M . 4.61 9.11 -7.51
C2 GOL M . 6.94 8.74 -7.68
O2 GOL M . 6.63 7.47 -8.28
C3 GOL M . 8.30 9.22 -8.17
O3 GOL M . 8.62 10.45 -7.57
C1 GOL N . -18.25 14.83 18.25
O1 GOL N . -18.36 16.20 17.90
C2 GOL N . -17.27 14.71 19.40
O2 GOL N . -17.16 13.35 19.74
C3 GOL N . -15.93 15.29 18.97
O3 GOL N . -15.05 15.39 20.07
#